data_9K3T
#
_entry.id   9K3T
#
_cell.length_a   1.00
_cell.length_b   1.00
_cell.length_c   1.00
_cell.angle_alpha   90.00
_cell.angle_beta   90.00
_cell.angle_gamma   90.00
#
_symmetry.space_group_name_H-M   'P 1'
#
loop_
_entity.id
_entity.type
_entity.pdbx_description
1 polymer 'Transmembrane protease serine 2'
2 polymer 'Fab 752 light chain'
3 polymer 'Fab 752 heavy chain'
4 polymer 'Fab 2228 light chain'
5 polymer 'Fab 2228 heavy chain'
#
loop_
_entity_poly.entity_id
_entity_poly.type
_entity_poly.pdbx_seq_one_letter_code
_entity_poly.pdbx_strand_id
1 'polypeptide(L)'
;GMGSKCSNSGIECDSSGTCINPSNWCDGVSHCPGGEDENRCVRLYGPNFILQVYSSQRKSWHPVCQDDWNENYGRAACRD
MGYKNNFYSSQGIVDDSGSTSFMKLNTSAGNVDIYKKLYHSDACSSKAVVSLRCIACGVNLNDDDDDKIVGGESALPGAW
PWQVSLHVQNVHVCGGSIITPEWIVTAAHCVEKPLNNPWHWTAFAGILRQSFMFYGAGYQVEKVISHPNYDSKTKNNDIA
LMKLQKPLTFNDLVKPVCLPNPGMMLQPEQLCWISGWGATEEKGKTSEVLNAAKVLLIETQRCNSRYVYDNLITPAMICA
GFLQGNVDSCQGDSGGPLVTSKNNIWWLIGDTSWGSGCAKAYRPGVYGNVMVFTDWIYRQMRADGENLYFQ
;
A
2 'polypeptide(L)'
;DIQMTQSPSSLSASLGGKVTITCKASQDINKYIAWYQHKPGKGPRLLIHYTSTLQPGIPSRFSGSGSGRDYSFSIYNLEP
EDIATYYCLQYYNLWTFGGGTKLEIKRADAAPTVSIFPPSSEQLTSGGASVVCFLNNFYPKDINVKWKIDGSERQNGVLN
SWTDQDSKDSTYSMSSTLTLTKDEYERHNSYTCEATHKTSTSPIVKSFNRNEC
;
L
3 'polypeptide(L)'
;DQVQLQQSGAELARPGASVKLSCKASGYTFTSCGISWVKQRTGQGLEWIGEIYPRGGNTYYNEKFKGKATLTADKSSSTA
YMELRSLTSEDSAVYFCARENGNYDPLFAYWGQGTLVTVSAAKTTPPSVYPLAPGSAAQTNSMVTLGCLVKGYFPEPVTV
TWNSGSLSSGVHTFPAVLQSDLYTLSSSVTVPSSTWPSQTVTCNVAHPASSTKVDKKIVPRDCENLYFQ
;
H
4 'polypeptide(L)'
;DVVVTQSPASLAVSLGQRATISCRASKSVSTSGYSFMHWYQQKPGQPPKLLIYLASNLESGVPARFSGSGSGTDFILNIH
PVEEEDAATYYCQHSRELPLTFGAGTKLELKRADAAPTVSIFPPSSEQLTSGGASVVCFLNNFYPKDINVKWKIDGSERQ
NGVLNSWTDQDSKDSTYSMSSTLTLTKDEYERHNSYTCEATHKTSTSPIVKSFNRNEC
;
l
5 'polypeptide(L)'
;DQVQLQQSGPELVKPGTSVKISCKASGYTFTDYYINWVKQRPGQGLEWIGWIFPGSGSSYYNAIFKGKATLTVDTSSNTA
HMSLSSLTSDDSAVYFCARGDFGNFGGFFTYWGQGTLVTVSAAKTTAPSVYPLAPVCGGTTGSSVTLGCLVKGYFPEPVT
LTWNSGSLSSGVHTFPALLQSGLYTLSSSVTVTSNTWPSQTITCNVAHPASSTKVDKKIEPRVPENLYFQ
;
h
#
# COMPACT_ATOMS: atom_id res chain seq x y z
N ASP A 37 39.96 -7.19 4.32
CA ASP A 37 38.81 -6.94 5.23
C ASP A 37 38.08 -8.22 5.56
N GLU A 38 38.15 -8.63 6.83
CA GLU A 38 37.47 -9.82 7.33
C GLU A 38 36.56 -9.39 8.47
N ASN A 39 35.24 -9.39 8.23
CA ASN A 39 34.30 -8.88 9.21
C ASN A 39 33.05 -9.75 9.34
N ARG A 40 33.07 -10.99 8.86
CA ARG A 40 31.97 -11.92 9.09
C ARG A 40 32.27 -12.80 10.31
N CYS A 41 32.36 -12.14 11.46
CA CYS A 41 32.66 -12.79 12.73
C CYS A 41 31.42 -12.97 13.62
N VAL A 42 30.23 -12.69 13.10
CA VAL A 42 28.98 -12.94 13.80
C VAL A 42 28.00 -13.52 12.81
N ARG A 43 27.13 -14.42 13.29
CA ARG A 43 26.18 -15.10 12.44
C ARG A 43 24.99 -15.54 13.26
N LEU A 44 23.90 -15.85 12.55
CA LEU A 44 22.72 -16.49 13.14
C LEU A 44 22.72 -17.96 12.73
N TYR A 45 22.32 -18.83 13.66
CA TYR A 45 22.38 -20.27 13.45
C TYR A 45 20.99 -20.86 13.41
N GLY A 46 20.68 -21.58 12.33
CA GLY A 46 19.51 -22.42 12.27
C GLY A 46 18.21 -21.63 12.16
N PRO A 47 17.09 -22.34 12.20
CA PRO A 47 15.78 -21.67 12.03
C PRO A 47 15.48 -20.66 13.10
N ASN A 48 16.05 -20.80 14.30
CA ASN A 48 15.72 -19.94 15.42
C ASN A 48 16.56 -18.67 15.47
N PHE A 49 17.50 -18.49 14.55
CA PHE A 49 18.30 -17.27 14.46
C PHE A 49 19.15 -17.07 15.70
N ILE A 50 19.80 -18.15 16.14
CA ILE A 50 20.62 -18.11 17.34
C ILE A 50 21.90 -17.35 17.00
N LEU A 51 22.06 -16.16 17.59
CA LEU A 51 23.24 -15.36 17.36
C LEU A 51 24.49 -16.10 17.83
N GLN A 52 25.55 -16.02 17.05
CA GLN A 52 26.80 -16.69 17.38
C GLN A 52 27.97 -15.75 17.10
N VAL A 53 29.07 -15.99 17.79
CA VAL A 53 30.30 -15.22 17.64
C VAL A 53 31.47 -16.18 17.58
N TYR A 54 32.44 -15.88 16.71
CA TYR A 54 33.54 -16.79 16.45
C TYR A 54 34.69 -16.54 17.41
N SER A 55 35.30 -17.64 17.88
CA SER A 55 36.40 -17.58 18.84
C SER A 55 37.57 -18.36 18.26
N SER A 56 38.65 -17.65 17.91
CA SER A 56 39.85 -18.31 17.39
C SER A 56 40.54 -19.15 18.45
N GLN A 57 40.33 -18.84 19.73
CA GLN A 57 40.96 -19.63 20.79
C GLN A 57 40.53 -21.09 20.72
N ARG A 58 39.23 -21.31 20.54
CA ARG A 58 38.69 -22.65 20.36
C ARG A 58 38.34 -22.95 18.91
N LYS A 59 38.45 -21.97 18.01
CA LYS A 59 38.16 -22.14 16.59
C LYS A 59 36.78 -22.75 16.39
N SER A 60 35.81 -22.23 17.15
CA SER A 60 34.44 -22.71 17.09
C SER A 60 33.49 -21.53 17.22
N TRP A 61 32.24 -21.76 16.84
CA TRP A 61 31.17 -20.79 16.99
C TRP A 61 30.40 -21.10 18.26
N HIS A 62 30.18 -20.07 19.09
CA HIS A 62 29.55 -20.22 20.38
C HIS A 62 28.35 -19.28 20.47
N PRO A 63 27.15 -19.77 20.78
CA PRO A 63 26.01 -18.87 20.91
C PRO A 63 26.16 -17.92 22.08
N VAL A 64 25.64 -16.71 21.91
CA VAL A 64 25.73 -15.68 22.94
C VAL A 64 24.66 -15.93 23.99
N CYS A 65 24.95 -15.51 25.22
CA CYS A 65 24.03 -15.67 26.33
C CYS A 65 23.05 -14.50 26.40
N GLN A 66 21.84 -14.78 26.88
CA GLN A 66 20.80 -13.76 26.95
C GLN A 66 20.94 -12.86 28.17
N ASP A 67 21.75 -13.25 29.15
CA ASP A 67 21.85 -12.48 30.38
C ASP A 67 22.53 -11.14 30.12
N ASP A 68 21.93 -10.07 30.63
CA ASP A 68 22.47 -8.71 30.54
C ASP A 68 22.64 -8.25 29.10
N TRP A 69 21.92 -8.84 28.16
CA TRP A 69 22.08 -8.51 26.75
C TRP A 69 21.35 -7.21 26.43
N ASN A 70 22.09 -6.21 25.95
CA ASN A 70 21.47 -5.00 25.43
C ASN A 70 20.84 -5.29 24.07
N GLU A 71 19.67 -4.70 23.83
CA GLU A 71 19.04 -4.86 22.53
C GLU A 71 19.74 -4.02 21.47
N ASN A 72 20.37 -2.91 21.87
CA ASN A 72 21.16 -2.13 20.94
C ASN A 72 22.38 -2.90 20.47
N TYR A 73 22.90 -3.82 21.29
CA TYR A 73 23.96 -4.70 20.80
C TYR A 73 23.43 -5.59 19.68
N GLY A 74 22.18 -6.06 19.80
CA GLY A 74 21.59 -6.81 18.71
C GLY A 74 21.40 -5.98 17.47
N ARG A 75 20.97 -4.72 17.62
CA ARG A 75 20.87 -3.83 16.48
C ARG A 75 22.22 -3.67 15.80
N ALA A 76 23.28 -3.45 16.59
CA ALA A 76 24.61 -3.31 16.03
C ALA A 76 25.05 -4.57 15.30
N ALA A 77 24.76 -5.74 15.88
CA ALA A 77 25.12 -7.00 15.22
C ALA A 77 24.38 -7.14 13.89
N CYS A 78 23.12 -6.71 13.85
CA CYS A 78 22.38 -6.76 12.60
C CYS A 78 23.00 -5.83 11.56
N ARG A 79 23.41 -4.63 11.97
CA ARG A 79 24.08 -3.72 11.04
C ARG A 79 25.40 -4.30 10.55
N ASP A 80 26.12 -5.00 11.41
CA ASP A 80 27.39 -5.62 11.04
C ASP A 80 27.22 -6.83 10.13
N MET A 81 25.99 -7.15 9.70
CA MET A 81 25.76 -8.21 8.75
C MET A 81 25.29 -7.69 7.39
N GLY A 82 24.99 -6.41 7.27
CA GLY A 82 24.56 -5.85 6.01
C GLY A 82 23.07 -5.61 5.93
N TYR A 83 22.48 -5.05 6.99
CA TYR A 83 21.06 -4.77 7.04
C TYR A 83 20.87 -3.26 7.22
N LYS A 84 20.35 -2.61 6.19
CA LYS A 84 20.14 -1.17 6.21
C LYS A 84 18.97 -0.86 7.14
N ASN A 85 19.30 -0.44 8.36
CA ASN A 85 18.34 -0.13 9.41
C ASN A 85 17.16 -1.10 9.38
N ASN A 86 17.45 -2.38 9.14
CA ASN A 86 16.44 -3.45 9.21
C ASN A 86 16.73 -4.26 10.48
N PHE A 87 15.81 -4.20 11.43
CA PHE A 87 15.93 -4.97 12.66
C PHE A 87 14.52 -5.30 13.12
N TYR A 88 14.24 -6.59 13.32
CA TYR A 88 12.90 -7.02 13.65
C TYR A 88 12.70 -7.12 15.16
N SER A 89 13.47 -7.99 15.82
CA SER A 89 13.27 -8.21 17.25
C SER A 89 14.35 -9.16 17.76
N SER A 90 14.62 -9.05 19.05
CA SER A 90 15.52 -9.95 19.74
C SER A 90 14.79 -10.54 20.93
N GLN A 91 14.98 -11.85 21.14
CA GLN A 91 14.32 -12.54 22.24
C GLN A 91 15.23 -13.64 22.74
N GLY A 92 14.97 -14.09 23.97
CA GLY A 92 15.74 -15.14 24.58
C GLY A 92 15.05 -16.48 24.39
N ILE A 93 15.77 -17.43 23.83
CA ILE A 93 15.27 -18.77 23.56
C ILE A 93 16.21 -19.79 24.18
N VAL A 94 15.64 -20.80 24.82
CA VAL A 94 16.46 -21.92 25.28
C VAL A 94 17.20 -22.50 24.08
N ASP A 95 18.51 -22.71 24.24
CA ASP A 95 19.35 -23.06 23.11
C ASP A 95 18.80 -24.26 22.35
N ASP A 96 18.42 -24.04 21.10
CA ASP A 96 17.94 -25.10 20.22
C ASP A 96 19.05 -25.68 19.37
N SER A 97 20.28 -25.20 19.52
CA SER A 97 21.44 -25.76 18.84
C SER A 97 22.08 -26.82 19.74
N GLY A 98 23.28 -27.27 19.35
CA GLY A 98 23.97 -28.32 20.09
C GLY A 98 25.30 -27.90 20.67
N SER A 99 25.37 -26.70 21.24
CA SER A 99 26.60 -26.18 21.80
C SER A 99 26.54 -26.24 23.32
N THR A 100 27.62 -26.77 23.93
CA THR A 100 27.73 -26.81 25.38
C THR A 100 28.46 -25.60 25.96
N SER A 101 29.18 -24.86 25.14
CA SER A 101 29.92 -23.68 25.57
C SER A 101 29.29 -22.44 24.95
N PHE A 102 29.20 -21.38 25.74
CA PHE A 102 28.53 -20.15 25.34
C PHE A 102 29.51 -18.98 25.40
N MET A 103 28.98 -17.77 25.18
CA MET A 103 29.77 -16.54 25.16
C MET A 103 29.08 -15.53 26.08
N LYS A 104 29.49 -15.50 27.34
CA LYS A 104 28.93 -14.56 28.29
C LYS A 104 29.51 -13.17 28.06
N LEU A 105 28.79 -12.16 28.55
CA LEU A 105 29.13 -10.77 28.32
C LEU A 105 29.73 -10.17 29.58
N ASN A 106 30.89 -9.53 29.44
CA ASN A 106 31.54 -8.82 30.55
C ASN A 106 30.94 -7.41 30.61
N THR A 107 30.11 -7.16 31.62
CA THR A 107 29.47 -5.87 31.78
C THR A 107 30.36 -4.84 32.45
N SER A 108 31.55 -5.23 32.89
CA SER A 108 32.52 -4.29 33.44
C SER A 108 33.44 -3.70 32.38
N ALA A 109 33.36 -4.18 31.14
CA ALA A 109 34.17 -3.64 30.06
C ALA A 109 33.53 -2.36 29.52
N GLY A 110 34.16 -1.75 28.53
CA GLY A 110 33.65 -0.52 27.96
C GLY A 110 34.31 -0.11 26.66
N ASN A 111 33.50 0.42 25.74
CA ASN A 111 33.97 0.91 24.45
C ASN A 111 34.94 -0.08 23.81
N VAL A 112 34.44 -1.29 23.59
CA VAL A 112 35.21 -2.36 22.94
C VAL A 112 34.30 -3.06 21.94
N ASP A 113 34.88 -4.01 21.20
CA ASP A 113 34.14 -4.74 20.19
C ASP A 113 33.28 -5.82 20.85
N ILE A 114 32.42 -6.45 20.04
CA ILE A 114 31.54 -7.49 20.57
C ILE A 114 32.36 -8.68 21.05
N TYR A 115 33.38 -9.06 20.29
CA TYR A 115 34.22 -10.19 20.69
C TYR A 115 35.14 -9.84 21.85
N LYS A 116 35.39 -8.56 22.09
CA LYS A 116 36.27 -8.16 23.18
C LYS A 116 35.59 -8.27 24.53
N LYS A 117 34.30 -7.94 24.61
CA LYS A 117 33.56 -7.96 25.86
C LYS A 117 32.77 -9.24 26.06
N LEU A 118 32.87 -10.21 25.16
CA LEU A 118 32.30 -11.53 25.34
C LEU A 118 33.41 -12.50 25.72
N TYR A 119 33.22 -13.21 26.84
CA TYR A 119 34.20 -14.17 27.31
C TYR A 119 33.58 -15.55 27.39
N HIS A 120 34.42 -16.56 27.14
CA HIS A 120 33.95 -17.95 27.10
C HIS A 120 33.36 -18.35 28.44
N SER A 121 32.18 -18.97 28.40
CA SER A 121 31.51 -19.48 29.58
C SER A 121 30.82 -20.78 29.24
N ASP A 122 30.67 -21.64 30.25
CA ASP A 122 30.07 -22.96 30.07
C ASP A 122 28.64 -23.02 30.56
N ALA A 123 28.05 -21.89 30.94
CA ALA A 123 26.70 -21.89 31.48
C ALA A 123 26.13 -20.47 31.38
N CYS A 124 24.82 -20.38 31.58
CA CYS A 124 24.11 -19.11 31.58
C CYS A 124 23.35 -18.96 32.89
N SER A 125 23.30 -17.73 33.41
CA SER A 125 22.47 -17.46 34.57
C SER A 125 20.99 -17.70 34.24
N SER A 126 20.57 -17.28 33.06
CA SER A 126 19.27 -17.61 32.52
C SER A 126 19.46 -18.63 31.41
N LYS A 127 18.77 -19.77 31.52
CA LYS A 127 18.97 -20.84 30.55
C LYS A 127 18.36 -20.45 29.21
N ALA A 128 18.94 -19.43 28.57
CA ALA A 128 18.43 -18.90 27.32
C ALA A 128 19.55 -18.15 26.62
N VAL A 129 19.57 -18.25 25.29
CA VAL A 129 20.59 -17.59 24.47
C VAL A 129 19.93 -16.51 23.64
N VAL A 130 20.72 -15.77 22.87
CA VAL A 130 20.22 -14.65 22.09
C VAL A 130 19.71 -15.16 20.75
N SER A 131 18.47 -14.81 20.42
CA SER A 131 17.88 -15.08 19.12
C SER A 131 17.62 -13.75 18.43
N LEU A 132 18.16 -13.58 17.23
CA LEU A 132 18.20 -12.28 16.56
C LEU A 132 17.60 -12.38 15.17
N ARG A 133 16.39 -11.84 14.99
CA ARG A 133 15.80 -11.67 13.68
C ARG A 133 16.15 -10.26 13.20
N CYS A 134 17.00 -10.18 12.18
CA CYS A 134 17.46 -8.90 11.67
C CYS A 134 16.55 -8.32 10.61
N ILE A 135 15.49 -9.03 10.21
CA ILE A 135 14.53 -8.53 9.25
C ILE A 135 13.28 -9.39 9.33
N ALA A 136 12.14 -8.80 8.98
CA ALA A 136 10.87 -9.52 8.92
C ALA A 136 10.76 -10.16 7.54
N CYS A 137 11.00 -11.47 7.47
CA CYS A 137 11.02 -12.18 6.21
C CYS A 137 10.34 -13.53 6.37
N GLY A 138 9.94 -14.12 5.24
CA GLY A 138 9.49 -15.50 5.21
C GLY A 138 8.02 -15.72 5.42
N VAL A 139 7.22 -14.66 5.54
CA VAL A 139 5.78 -14.78 5.71
C VAL A 139 5.10 -14.49 4.38
N ASN A 140 4.27 -15.42 3.93
CA ASN A 140 3.48 -15.27 2.72
C ASN A 140 2.02 -15.49 3.05
N LEU A 141 1.14 -14.95 2.21
CA LEU A 141 -0.30 -14.96 2.47
C LEU A 141 -0.83 -16.37 2.26
N ASN A 142 -0.69 -17.19 3.29
CA ASN A 142 -1.20 -18.55 3.29
C ASN A 142 -1.04 -19.18 4.67
N ILE A 149 7.27 -23.13 -15.41
CA ILE A 149 6.87 -24.26 -14.58
C ILE A 149 5.94 -25.16 -15.38
N VAL A 150 6.38 -26.39 -15.64
CA VAL A 150 5.56 -27.38 -16.32
C VAL A 150 4.79 -28.18 -15.27
N GLY A 151 3.49 -28.33 -15.48
CA GLY A 151 2.67 -29.03 -14.52
C GLY A 151 2.55 -28.34 -13.19
N GLY A 152 2.47 -27.01 -13.19
CA GLY A 152 2.34 -26.25 -11.96
C GLY A 152 1.12 -25.35 -11.97
N GLU A 153 0.24 -25.51 -10.99
CA GLU A 153 -1.00 -24.75 -10.96
C GLU A 153 -0.72 -23.26 -10.72
N SER A 154 -1.61 -22.42 -11.23
CA SER A 154 -1.43 -20.99 -11.14
C SER A 154 -1.42 -20.54 -9.68
N ALA A 155 -0.59 -19.54 -9.39
CA ALA A 155 -0.40 -19.06 -8.03
C ALA A 155 -1.34 -17.88 -7.75
N LEU A 156 -1.85 -17.83 -6.52
CA LEU A 156 -2.72 -16.75 -6.08
C LEU A 156 -1.88 -15.55 -5.60
N PRO A 157 -2.43 -14.34 -5.65
CA PRO A 157 -1.67 -13.19 -5.15
C PRO A 157 -1.35 -13.31 -3.67
N GLY A 158 -0.12 -12.92 -3.32
CA GLY A 158 0.35 -12.97 -1.96
C GLY A 158 0.95 -14.30 -1.54
N ALA A 159 0.88 -15.31 -2.40
CA ALA A 159 1.43 -16.63 -2.02
C ALA A 159 2.95 -16.63 -2.09
N TRP A 160 3.53 -16.02 -3.11
CA TRP A 160 4.98 -15.95 -3.30
C TRP A 160 5.37 -14.51 -3.55
N PRO A 161 5.21 -13.66 -2.53
CA PRO A 161 5.39 -12.21 -2.74
C PRO A 161 6.80 -11.82 -3.18
N TRP A 162 7.80 -12.62 -2.79
CA TRP A 162 9.18 -12.38 -3.16
C TRP A 162 9.48 -12.63 -4.63
N GLN A 163 8.54 -13.21 -5.38
CA GLN A 163 8.78 -13.49 -6.78
C GLN A 163 8.98 -12.20 -7.56
N VAL A 164 9.96 -12.21 -8.46
CA VAL A 164 10.32 -11.04 -9.26
C VAL A 164 10.43 -11.46 -10.71
N SER A 165 9.94 -10.61 -11.61
CA SER A 165 10.09 -10.78 -13.05
C SER A 165 11.00 -9.68 -13.55
N LEU A 166 12.11 -10.05 -14.17
CA LEU A 166 13.10 -9.10 -14.66
C LEU A 166 13.00 -9.01 -16.17
N HIS A 167 12.91 -7.79 -16.68
CA HIS A 167 12.75 -7.53 -18.10
C HIS A 167 14.00 -6.84 -18.63
N VAL A 168 14.36 -7.14 -19.88
CA VAL A 168 15.50 -6.51 -20.54
C VAL A 168 15.05 -5.45 -21.53
N GLN A 169 14.10 -5.79 -22.40
CA GLN A 169 13.60 -4.89 -23.43
C GLN A 169 12.07 -4.89 -23.43
N ASN A 170 11.49 -4.76 -22.24
CA ASN A 170 10.07 -4.93 -22.00
C ASN A 170 9.62 -6.38 -22.23
N VAL A 171 10.55 -7.33 -22.16
CA VAL A 171 10.27 -8.74 -22.32
C VAL A 171 10.94 -9.48 -21.18
N HIS A 172 10.23 -10.46 -20.61
CA HIS A 172 10.66 -11.13 -19.41
C HIS A 172 11.76 -12.13 -19.75
N VAL A 173 12.92 -11.98 -19.13
CA VAL A 173 14.07 -12.85 -19.36
C VAL A 173 14.20 -13.91 -18.28
N CYS A 174 14.10 -13.51 -17.02
CA CYS A 174 14.12 -14.46 -15.91
C CYS A 174 13.71 -13.73 -14.64
N GLY A 175 13.66 -14.45 -13.53
CA GLY A 175 13.20 -13.90 -12.27
C GLY A 175 14.26 -13.85 -11.18
N GLY A 176 13.84 -13.52 -9.97
CA GLY A 176 14.73 -13.40 -8.83
C GLY A 176 13.96 -13.64 -7.55
N SER A 177 14.47 -13.07 -6.45
CA SER A 177 13.81 -13.20 -5.16
C SER A 177 14.10 -11.96 -4.32
N ILE A 178 13.04 -11.27 -3.89
CA ILE A 178 13.20 -10.17 -2.96
C ILE A 178 13.69 -10.72 -1.63
N ILE A 179 14.85 -10.26 -1.19
CA ILE A 179 15.41 -10.62 0.11
C ILE A 179 15.59 -9.41 1.01
N THR A 180 15.37 -8.20 0.51
CA THR A 180 15.61 -6.97 1.22
C THR A 180 14.94 -5.85 0.43
N PRO A 181 14.55 -4.74 1.05
CA PRO A 181 13.92 -3.67 0.27
C PRO A 181 14.70 -3.22 -0.96
N GLU A 182 15.97 -3.60 -1.08
CA GLU A 182 16.80 -3.16 -2.20
C GLU A 182 17.44 -4.30 -2.98
N TRP A 183 17.66 -5.46 -2.38
CA TRP A 183 18.47 -6.52 -2.99
C TRP A 183 17.59 -7.66 -3.49
N ILE A 184 18.05 -8.30 -4.57
CA ILE A 184 17.32 -9.39 -5.23
C ILE A 184 18.32 -10.49 -5.56
N VAL A 185 17.89 -11.74 -5.41
CA VAL A 185 18.74 -12.90 -5.63
C VAL A 185 18.32 -13.56 -6.93
N THR A 186 19.25 -13.65 -7.88
CA THR A 186 18.96 -14.18 -9.20
C THR A 186 20.15 -15.04 -9.65
N ALA A 187 20.18 -15.37 -10.93
CA ALA A 187 21.18 -16.26 -11.49
C ALA A 187 22.22 -15.46 -12.27
N ALA A 188 23.45 -15.98 -12.28
CA ALA A 188 24.54 -15.30 -12.97
C ALA A 188 24.46 -15.48 -14.48
N HIS A 189 24.02 -16.65 -14.94
CA HIS A 189 23.90 -16.86 -16.37
C HIS A 189 22.82 -15.97 -16.98
N CYS A 190 21.97 -15.35 -16.16
CA CYS A 190 20.97 -14.44 -16.68
C CYS A 190 21.59 -13.15 -17.18
N VAL A 191 22.60 -12.64 -16.46
CA VAL A 191 23.17 -11.33 -16.75
C VAL A 191 24.54 -11.49 -17.37
N GLU A 192 24.77 -12.60 -18.07
CA GLU A 192 25.98 -12.74 -18.86
C GLU A 192 26.10 -11.57 -19.84
N LYS A 193 27.31 -11.36 -20.34
CA LYS A 193 27.52 -10.35 -21.36
C LYS A 193 26.65 -10.68 -22.57
N PRO A 194 26.01 -9.69 -23.20
CA PRO A 194 26.05 -8.23 -23.01
C PRO A 194 25.22 -7.70 -21.85
N LEU A 195 24.44 -8.55 -21.21
CA LEU A 195 23.43 -8.10 -20.24
C LEU A 195 24.01 -7.81 -18.86
N ASN A 196 25.32 -7.62 -18.73
CA ASN A 196 25.89 -7.38 -17.41
C ASN A 196 25.78 -5.94 -16.95
N ASN A 197 25.24 -5.03 -17.80
CA ASN A 197 25.11 -3.64 -17.37
C ASN A 197 23.78 -3.42 -16.67
N PRO A 198 23.75 -2.59 -15.62
CA PRO A 198 22.55 -2.49 -14.79
C PRO A 198 21.39 -1.72 -15.43
N TRP A 199 21.61 -1.02 -16.54
CA TRP A 199 20.58 -0.17 -17.11
C TRP A 199 19.67 -0.90 -18.08
N HIS A 200 19.98 -2.16 -18.42
CA HIS A 200 19.07 -2.95 -19.24
C HIS A 200 17.87 -3.46 -18.45
N TRP A 201 18.03 -3.62 -17.14
CA TRP A 201 17.13 -4.43 -16.34
C TRP A 201 16.11 -3.59 -15.58
N THR A 202 14.91 -4.14 -15.44
CA THR A 202 13.84 -3.53 -14.67
C THR A 202 13.00 -4.65 -14.08
N ALA A 203 12.84 -4.64 -12.76
CA ALA A 203 12.21 -5.74 -12.04
C ALA A 203 10.76 -5.41 -11.70
N PHE A 204 9.88 -6.39 -11.85
CA PHE A 204 8.45 -6.23 -11.60
C PHE A 204 8.05 -7.21 -10.51
N ALA A 205 8.00 -6.73 -9.27
CA ALA A 205 7.61 -7.53 -8.12
C ALA A 205 6.29 -7.02 -7.58
N GLY A 206 5.45 -7.95 -7.12
CA GLY A 206 4.09 -7.65 -6.72
C GLY A 206 3.07 -7.84 -7.82
N ILE A 207 3.50 -8.13 -9.05
CA ILE A 207 2.63 -8.32 -10.19
C ILE A 207 2.69 -9.79 -10.60
N LEU A 208 1.52 -10.36 -10.89
CA LEU A 208 1.44 -11.74 -11.35
C LEU A 208 1.14 -11.88 -12.83
N ARG A 209 0.65 -10.82 -13.47
CA ARG A 209 0.31 -10.84 -14.89
C ARG A 209 1.44 -10.20 -15.69
N GLN A 210 1.86 -10.86 -16.76
CA GLN A 210 2.90 -10.31 -17.61
C GLN A 210 2.38 -9.21 -18.53
N SER A 211 1.08 -9.17 -18.78
CA SER A 211 0.49 -8.11 -19.59
C SER A 211 0.26 -6.84 -18.80
N PHE A 212 0.34 -6.90 -17.47
CA PHE A 212 0.21 -5.74 -16.62
C PHE A 212 1.57 -5.22 -16.15
N MET A 213 2.66 -5.71 -16.73
CA MET A 213 4.01 -5.29 -16.39
C MET A 213 4.45 -4.23 -17.39
N PHE A 214 3.96 -3.01 -17.21
CA PHE A 214 4.22 -1.91 -18.12
C PHE A 214 5.30 -1.00 -17.56
N TYR A 215 6.00 -0.31 -18.45
CA TYR A 215 7.06 0.60 -18.03
C TYR A 215 6.49 1.66 -17.09
N GLY A 216 7.16 1.84 -15.96
CA GLY A 216 6.62 2.64 -14.88
C GLY A 216 6.01 1.82 -13.76
N ALA A 217 6.02 0.49 -13.88
CA ALA A 217 5.60 -0.39 -12.82
C ALA A 217 6.77 -1.10 -12.13
N GLY A 218 7.91 -1.22 -12.80
CA GLY A 218 9.07 -1.90 -12.26
C GLY A 218 10.01 -0.95 -11.55
N TYR A 219 11.16 -1.50 -11.16
CA TYR A 219 12.17 -0.76 -10.41
C TYR A 219 13.49 -0.90 -11.13
N GLN A 220 14.06 0.24 -11.56
CA GLN A 220 15.34 0.21 -12.23
C GLN A 220 16.41 -0.31 -11.29
N VAL A 221 17.36 -1.05 -11.86
CA VAL A 221 18.42 -1.71 -11.09
C VAL A 221 19.63 -0.80 -11.06
N GLU A 222 20.13 -0.52 -9.85
CA GLU A 222 21.39 0.22 -9.71
C GLU A 222 22.58 -0.64 -10.11
N LYS A 223 22.70 -1.80 -9.48
CA LYS A 223 23.88 -2.65 -9.62
C LYS A 223 23.47 -4.08 -9.95
N VAL A 224 24.35 -4.77 -10.65
CA VAL A 224 24.24 -6.21 -10.88
C VAL A 224 25.58 -6.82 -10.50
N ILE A 225 25.58 -7.70 -9.50
CA ILE A 225 26.82 -8.24 -8.93
C ILE A 225 26.78 -9.74 -9.13
N SER A 226 27.35 -10.20 -10.24
CA SER A 226 27.44 -11.63 -10.49
C SER A 226 28.52 -12.26 -9.61
N HIS A 227 28.49 -13.58 -9.51
CA HIS A 227 29.47 -14.28 -8.71
C HIS A 227 30.83 -14.28 -9.44
N PRO A 228 31.92 -13.87 -8.79
CA PRO A 228 33.21 -13.90 -9.48
C PRO A 228 33.61 -15.28 -9.95
N ASN A 229 33.24 -16.32 -9.22
CA ASN A 229 33.59 -17.70 -9.53
C ASN A 229 32.57 -18.39 -10.43
N TYR A 230 31.78 -17.64 -11.18
CA TYR A 230 30.81 -18.24 -12.09
C TYR A 230 31.53 -18.73 -13.35
N ASP A 231 31.37 -20.01 -13.66
CA ASP A 231 32.00 -20.64 -14.82
C ASP A 231 30.91 -20.93 -15.85
N SER A 232 30.93 -20.20 -16.96
CA SER A 232 29.88 -20.35 -17.96
C SER A 232 29.88 -21.75 -18.56
N LYS A 233 31.05 -22.27 -18.92
CA LYS A 233 31.12 -23.58 -19.55
C LYS A 233 30.45 -24.64 -18.68
N THR A 234 30.81 -24.68 -17.40
CA THR A 234 30.21 -25.60 -16.43
C THR A 234 29.71 -24.74 -15.26
N LYS A 235 28.43 -24.37 -15.30
CA LYS A 235 27.85 -23.53 -14.26
C LYS A 235 28.09 -24.15 -12.89
N ASN A 236 28.90 -23.51 -12.06
CA ASN A 236 29.15 -23.99 -10.70
C ASN A 236 28.65 -23.01 -9.65
N ASN A 237 29.16 -21.78 -9.63
CA ASN A 237 28.69 -20.76 -8.69
C ASN A 237 27.76 -19.78 -9.42
N ASP A 238 26.61 -20.29 -9.84
CA ASP A 238 25.67 -19.51 -10.64
C ASP A 238 24.69 -18.79 -9.72
N ILE A 239 25.16 -17.67 -9.16
CA ILE A 239 24.32 -16.78 -8.38
C ILE A 239 24.69 -15.35 -8.72
N ALA A 240 23.70 -14.46 -8.61
CA ALA A 240 23.92 -13.05 -8.90
C ALA A 240 22.96 -12.23 -8.05
N LEU A 241 23.29 -10.95 -7.91
CA LEU A 241 22.50 -10.03 -7.12
C LEU A 241 22.02 -8.89 -8.01
N MET A 242 21.15 -8.05 -7.44
CA MET A 242 20.66 -6.87 -8.12
C MET A 242 20.18 -5.88 -7.08
N LYS A 243 20.47 -4.60 -7.30
CA LYS A 243 20.09 -3.54 -6.39
C LYS A 243 19.23 -2.53 -7.14
N LEU A 244 18.26 -1.94 -6.44
CA LEU A 244 17.30 -1.04 -7.06
C LEU A 244 17.54 0.39 -6.60
N GLN A 245 17.34 1.34 -7.52
CA GLN A 245 17.47 2.75 -7.16
C GLN A 245 16.45 3.14 -6.09
N LYS A 246 15.25 2.57 -6.15
CA LYS A 246 14.19 2.88 -5.21
C LYS A 246 13.87 1.63 -4.39
N PRO A 247 14.07 1.64 -3.07
CA PRO A 247 13.77 0.45 -2.28
C PRO A 247 12.30 0.06 -2.39
N LEU A 248 12.05 -1.25 -2.39
CA LEU A 248 10.69 -1.75 -2.49
C LEU A 248 9.92 -1.47 -1.21
N THR A 249 8.63 -1.17 -1.36
CA THR A 249 7.70 -1.07 -0.25
C THR A 249 6.95 -2.40 -0.14
N PHE A 250 6.92 -2.95 1.07
CA PHE A 250 6.41 -4.29 1.30
C PHE A 250 4.96 -4.23 1.77
N ASN A 251 4.08 -4.89 1.02
CA ASN A 251 2.68 -5.04 1.37
C ASN A 251 2.35 -6.52 1.38
N ASP A 252 1.07 -6.88 1.48
CA ASP A 252 0.72 -8.30 1.44
C ASP A 252 1.21 -8.96 0.16
N LEU A 253 1.36 -8.19 -0.92
CA LEU A 253 1.78 -8.72 -2.20
C LEU A 253 3.29 -8.79 -2.35
N VAL A 254 4.03 -7.92 -1.66
CA VAL A 254 5.49 -7.85 -1.77
C VAL A 254 6.08 -8.05 -0.38
N LYS A 255 7.00 -9.01 -0.27
CA LYS A 255 7.65 -9.33 0.99
C LYS A 255 8.94 -10.07 0.67
N PRO A 256 9.89 -10.09 1.61
CA PRO A 256 11.15 -10.80 1.37
C PRO A 256 11.11 -12.26 1.79
N VAL A 257 12.09 -13.01 1.30
CA VAL A 257 12.28 -14.41 1.63
C VAL A 257 13.54 -14.53 2.47
N CYS A 258 13.43 -15.20 3.61
CA CYS A 258 14.59 -15.34 4.49
C CYS A 258 15.70 -16.10 3.79
N LEU A 259 16.92 -15.67 4.02
CA LEU A 259 18.07 -16.41 3.54
C LEU A 259 18.37 -17.57 4.50
N PRO A 260 18.93 -18.67 4.01
CA PRO A 260 19.19 -19.82 4.88
C PRO A 260 20.40 -19.59 5.77
N ASN A 261 20.16 -19.48 7.07
CA ASN A 261 21.24 -19.43 8.03
C ASN A 261 21.95 -20.76 8.06
N PRO A 262 23.21 -20.79 8.52
CA PRO A 262 23.89 -22.07 8.67
C PRO A 262 23.10 -23.02 9.55
N GLY A 263 23.46 -24.29 9.49
CA GLY A 263 22.80 -25.28 10.32
C GLY A 263 21.31 -25.35 10.11
N MET A 264 20.87 -25.34 8.86
CA MET A 264 19.46 -25.55 8.53
C MET A 264 19.29 -27.03 8.22
N MET A 265 18.84 -27.79 9.21
CA MET A 265 18.75 -29.24 9.07
C MET A 265 17.56 -29.56 8.17
N LEU A 266 17.84 -29.74 6.88
CA LEU A 266 16.82 -30.05 5.89
C LEU A 266 16.84 -31.55 5.59
N GLN A 267 15.65 -32.12 5.39
CA GLN A 267 15.53 -33.53 5.11
C GLN A 267 16.17 -33.86 3.77
N PRO A 268 16.56 -35.12 3.55
CA PRO A 268 17.11 -35.48 2.24
C PRO A 268 16.15 -35.22 1.10
N GLU A 269 14.85 -35.35 1.33
CA GLU A 269 13.82 -34.98 0.35
C GLU A 269 12.85 -34.06 1.08
N GLN A 270 13.18 -32.77 1.10
CA GLN A 270 12.37 -31.76 1.76
C GLN A 270 11.32 -31.24 0.80
N LEU A 271 10.17 -30.86 1.35
CA LEU A 271 9.07 -30.34 0.55
C LEU A 271 9.33 -28.87 0.23
N CYS A 272 9.68 -28.60 -1.02
CA CYS A 272 9.99 -27.25 -1.49
C CYS A 272 8.92 -26.77 -2.46
N TRP A 273 9.03 -25.52 -2.86
CA TRP A 273 8.11 -24.90 -3.81
C TRP A 273 8.90 -24.08 -4.82
N ILE A 274 8.33 -23.94 -6.02
CA ILE A 274 8.91 -23.11 -7.08
C ILE A 274 7.80 -22.31 -7.73
N SER A 275 8.21 -21.26 -8.45
CA SER A 275 7.25 -20.43 -9.18
C SER A 275 8.00 -19.65 -10.24
N GLY A 276 7.25 -19.17 -11.23
CA GLY A 276 7.83 -18.35 -12.28
C GLY A 276 6.93 -18.31 -13.49
N TRP A 277 7.32 -17.46 -14.44
CA TRP A 277 6.62 -17.29 -15.71
C TRP A 277 7.28 -18.08 -16.83
N GLY A 278 7.82 -19.25 -16.52
CA GLY A 278 8.46 -20.05 -17.54
C GLY A 278 7.47 -20.66 -18.50
N ALA A 279 8.00 -21.32 -19.53
CA ALA A 279 7.16 -21.94 -20.54
C ALA A 279 6.56 -23.23 -19.99
N THR A 280 5.23 -23.28 -19.91
CA THR A 280 4.56 -24.46 -19.40
C THR A 280 4.71 -25.67 -20.31
N GLU A 281 5.18 -25.48 -21.55
CA GLU A 281 5.44 -26.55 -22.48
C GLU A 281 6.89 -26.45 -22.95
N GLU A 282 7.53 -27.60 -23.14
CA GLU A 282 8.91 -27.60 -23.60
C GLU A 282 9.03 -26.79 -24.88
N LYS A 283 9.86 -25.75 -24.84
CA LYS A 283 10.04 -24.82 -25.95
C LYS A 283 8.82 -23.96 -26.20
N GLY A 284 7.94 -23.81 -25.19
CA GLY A 284 6.77 -22.99 -25.31
C GLY A 284 7.03 -21.53 -24.99
N LYS A 285 5.98 -20.73 -25.11
CA LYS A 285 6.08 -19.30 -24.88
C LYS A 285 6.02 -18.98 -23.39
N THR A 286 6.51 -17.80 -23.03
CA THR A 286 6.50 -17.38 -21.64
C THR A 286 5.07 -17.32 -21.11
N SER A 287 4.88 -17.79 -19.89
CA SER A 287 3.56 -17.79 -19.28
C SER A 287 3.12 -16.36 -18.94
N GLU A 288 1.82 -16.10 -19.11
CA GLU A 288 1.26 -14.81 -18.73
C GLU A 288 1.10 -14.69 -17.23
N VAL A 289 0.79 -15.78 -16.55
CA VAL A 289 0.52 -15.78 -15.12
C VAL A 289 1.64 -16.49 -14.39
N LEU A 290 1.75 -16.21 -13.10
CA LEU A 290 2.78 -16.79 -12.25
C LEU A 290 2.28 -18.12 -11.73
N ASN A 291 2.86 -19.21 -12.23
CA ASN A 291 2.52 -20.54 -11.78
C ASN A 291 3.37 -20.93 -10.58
N ALA A 292 2.94 -21.97 -9.89
CA ALA A 292 3.69 -22.53 -8.78
C ALA A 292 3.63 -24.05 -8.86
N ALA A 293 4.62 -24.70 -8.25
CA ALA A 293 4.70 -26.15 -8.25
C ALA A 293 5.29 -26.61 -6.94
N LYS A 294 5.02 -27.88 -6.61
CA LYS A 294 5.42 -28.49 -5.35
C LYS A 294 6.42 -29.59 -5.68
N VAL A 295 7.70 -29.26 -5.61
CA VAL A 295 8.77 -30.21 -5.91
C VAL A 295 9.43 -30.63 -4.59
N LEU A 296 10.18 -31.71 -4.67
CA LEU A 296 10.90 -32.27 -3.53
C LEU A 296 12.39 -32.31 -3.83
N LEU A 297 13.20 -31.89 -2.86
CA LEU A 297 14.64 -31.92 -3.04
C LEU A 297 15.11 -33.33 -3.30
N ILE A 298 16.09 -33.47 -4.18
CA ILE A 298 16.70 -34.75 -4.51
C ILE A 298 18.12 -34.76 -3.98
N GLU A 299 18.52 -35.87 -3.36
CA GLU A 299 19.83 -35.95 -2.75
C GLU A 299 20.93 -35.84 -3.81
N THR A 300 22.01 -35.15 -3.45
CA THR A 300 23.13 -35.00 -4.37
C THR A 300 23.77 -36.36 -4.67
N GLN A 301 23.87 -37.22 -3.67
CA GLN A 301 24.42 -38.56 -3.89
C GLN A 301 23.61 -39.35 -4.92
N ARG A 302 22.33 -39.00 -5.10
CA ARG A 302 21.47 -39.68 -6.06
C ARG A 302 21.38 -38.94 -7.39
N CYS A 303 21.51 -37.62 -7.38
CA CYS A 303 21.41 -36.82 -8.60
C CYS A 303 22.65 -36.89 -9.47
N ASN A 304 23.73 -37.52 -8.99
CA ASN A 304 24.97 -37.60 -9.73
C ASN A 304 25.23 -39.00 -10.31
N SER A 305 24.26 -39.90 -10.22
CA SER A 305 24.45 -41.25 -10.72
C SER A 305 24.61 -41.22 -12.24
N ARG A 306 24.89 -42.40 -12.81
CA ARG A 306 25.18 -42.49 -14.24
C ARG A 306 23.95 -42.20 -15.07
N TYR A 307 22.78 -42.70 -14.65
CA TYR A 307 21.52 -42.41 -15.32
C TYR A 307 20.97 -41.04 -14.96
N VAL A 308 21.78 -40.19 -14.36
CA VAL A 308 21.42 -38.82 -13.99
C VAL A 308 22.60 -37.94 -14.41
N TYR A 309 22.62 -36.70 -13.96
CA TYR A 309 23.60 -35.71 -14.44
C TYR A 309 25.04 -36.19 -14.33
N ASP A 310 25.27 -37.33 -13.69
CA ASP A 310 26.56 -38.02 -13.81
C ASP A 310 27.71 -37.22 -13.20
N ASN A 311 27.61 -36.90 -11.92
CA ASN A 311 28.65 -36.21 -11.16
C ASN A 311 28.89 -34.79 -11.67
N LEU A 312 28.04 -34.27 -12.53
CA LEU A 312 28.18 -32.89 -12.99
C LEU A 312 27.77 -31.88 -11.93
N ILE A 313 27.17 -32.33 -10.83
CA ILE A 313 26.68 -31.42 -9.81
C ILE A 313 27.77 -31.20 -8.77
N THR A 314 28.11 -29.94 -8.54
CA THR A 314 29.14 -29.53 -7.61
C THR A 314 28.52 -29.23 -6.25
N PRO A 315 29.34 -29.09 -5.20
CA PRO A 315 28.79 -28.76 -3.88
C PRO A 315 28.07 -27.41 -3.82
N ALA A 316 28.06 -26.64 -4.90
CA ALA A 316 27.38 -25.35 -4.94
C ALA A 316 25.99 -25.42 -5.54
N MET A 317 25.51 -26.63 -5.88
CA MET A 317 24.25 -26.80 -6.58
C MET A 317 23.43 -27.88 -5.90
N ILE A 318 22.10 -27.75 -5.99
CA ILE A 318 21.18 -28.70 -5.40
C ILE A 318 20.09 -29.03 -6.42
N CYS A 319 19.93 -30.31 -6.73
CA CYS A 319 18.84 -30.75 -7.58
C CYS A 319 17.53 -30.77 -6.81
N ALA A 320 16.45 -30.48 -7.52
CA ALA A 320 15.11 -30.58 -6.97
C ALA A 320 14.15 -31.03 -8.07
N GLY A 321 13.04 -31.62 -7.66
CA GLY A 321 12.07 -32.13 -8.61
C GLY A 321 11.76 -33.57 -8.36
N PHE A 322 11.47 -34.31 -9.43
CA PHE A 322 11.16 -35.73 -9.34
C PHE A 322 11.94 -36.49 -10.41
N LEU A 323 12.53 -37.62 -10.01
CA LEU A 323 13.17 -38.50 -10.99
C LEU A 323 12.16 -39.17 -11.89
N GLN A 324 10.89 -39.23 -11.47
CA GLN A 324 9.83 -39.67 -12.37
C GLN A 324 9.51 -38.60 -13.41
N GLY A 325 9.54 -37.33 -13.00
CA GLY A 325 9.34 -36.22 -13.89
C GLY A 325 8.00 -35.54 -13.67
N ASN A 326 7.56 -34.83 -14.72
CA ASN A 326 6.27 -34.14 -14.82
C ASN A 326 6.26 -32.82 -14.09
N VAL A 327 7.33 -32.45 -13.37
CA VAL A 327 7.41 -31.14 -12.74
C VAL A 327 8.85 -30.64 -12.79
N ASP A 328 9.06 -29.47 -13.37
CA ASP A 328 10.39 -28.88 -13.43
C ASP A 328 10.24 -27.40 -13.76
N SER A 329 11.33 -26.66 -13.57
CA SER A 329 11.39 -25.25 -13.90
C SER A 329 11.96 -25.13 -15.31
N CYS A 330 11.09 -24.86 -16.28
CA CYS A 330 11.50 -24.80 -17.68
C CYS A 330 12.19 -23.47 -17.95
N GLN A 331 12.42 -23.16 -19.22
CA GLN A 331 13.08 -21.92 -19.57
C GLN A 331 12.18 -20.73 -19.28
N GLY A 332 12.80 -19.61 -18.91
CA GLY A 332 12.10 -18.37 -18.69
C GLY A 332 11.85 -18.00 -17.25
N ASP A 333 12.15 -18.89 -16.31
CA ASP A 333 12.04 -18.62 -14.88
C ASP A 333 13.36 -18.93 -14.19
N SER A 334 14.45 -18.43 -14.77
CA SER A 334 15.78 -18.64 -14.22
C SER A 334 16.02 -17.70 -13.05
N GLY A 335 16.83 -18.16 -12.10
CA GLY A 335 17.01 -17.43 -10.86
C GLY A 335 15.85 -17.52 -9.91
N GLY A 336 14.77 -18.19 -10.28
CA GLY A 336 13.56 -18.19 -9.50
C GLY A 336 13.75 -18.81 -8.14
N PRO A 337 12.89 -18.45 -7.19
CA PRO A 337 13.04 -18.99 -5.84
C PRO A 337 12.79 -20.48 -5.77
N LEU A 338 13.52 -21.15 -4.89
CA LEU A 338 13.19 -22.49 -4.41
C LEU A 338 13.10 -22.35 -2.90
N VAL A 339 11.88 -22.22 -2.39
CA VAL A 339 11.66 -21.93 -0.98
C VAL A 339 11.23 -23.20 -0.27
N THR A 340 11.51 -23.25 1.04
CA THR A 340 11.05 -24.32 1.91
C THR A 340 10.51 -23.71 3.18
N SER A 341 9.44 -24.29 3.71
CA SER A 341 8.83 -23.84 4.96
C SER A 341 9.36 -24.67 6.10
N LYS A 342 9.85 -24.00 7.14
CA LYS A 342 10.32 -24.67 8.34
C LYS A 342 10.35 -23.65 9.45
N ASN A 343 9.60 -23.90 10.52
CA ASN A 343 9.48 -22.97 11.64
C ASN A 343 8.59 -21.78 11.30
N ASN A 344 7.66 -21.95 10.35
CA ASN A 344 6.78 -20.89 9.89
C ASN A 344 7.50 -19.85 9.04
N ILE A 345 8.63 -20.23 8.43
CA ILE A 345 9.46 -19.30 7.68
C ILE A 345 9.82 -19.95 6.35
N TRP A 346 9.76 -19.17 5.27
CA TRP A 346 10.15 -19.63 3.95
C TRP A 346 11.57 -19.17 3.67
N TRP A 347 12.47 -20.12 3.44
CA TRP A 347 13.90 -19.85 3.24
C TRP A 347 14.26 -20.03 1.78
N LEU A 348 15.10 -19.14 1.25
CA LEU A 348 15.53 -19.26 -0.13
C LEU A 348 16.53 -20.40 -0.23
N ILE A 349 16.04 -21.62 -0.47
CA ILE A 349 16.91 -22.78 -0.49
C ILE A 349 17.85 -22.72 -1.68
N GLY A 350 17.35 -22.30 -2.84
CA GLY A 350 18.18 -22.23 -4.03
C GLY A 350 17.56 -21.33 -5.07
N ASP A 351 18.25 -21.22 -6.20
CA ASP A 351 17.77 -20.45 -7.34
C ASP A 351 18.02 -21.24 -8.63
N THR A 352 17.06 -21.17 -9.55
CA THR A 352 17.13 -21.98 -10.76
C THR A 352 18.40 -21.68 -11.54
N SER A 353 19.13 -22.73 -11.91
CA SER A 353 20.42 -22.59 -12.57
C SER A 353 20.42 -23.18 -13.98
N TRP A 354 20.06 -24.45 -14.14
CA TRP A 354 20.11 -25.09 -15.45
C TRP A 354 19.33 -26.39 -15.40
N GLY A 355 19.15 -26.97 -16.59
CA GLY A 355 18.48 -28.25 -16.71
C GLY A 355 18.64 -28.79 -18.11
N SER A 356 18.45 -30.10 -18.23
CA SER A 356 18.58 -30.80 -19.51
C SER A 356 17.23 -31.09 -20.15
N GLY A 357 16.17 -30.48 -19.66
CA GLY A 357 14.83 -30.73 -20.15
C GLY A 357 13.85 -30.66 -18.98
N CYS A 358 12.63 -30.24 -19.29
CA CYS A 358 11.62 -29.95 -18.28
C CYS A 358 10.67 -31.13 -18.07
N ALA A 359 10.00 -31.59 -19.12
CA ALA A 359 9.07 -32.71 -19.02
C ALA A 359 9.77 -34.05 -19.24
N LYS A 360 10.84 -34.28 -18.47
CA LYS A 360 11.68 -35.45 -18.64
C LYS A 360 11.91 -36.13 -17.29
N ALA A 361 12.11 -37.44 -17.33
CA ALA A 361 12.43 -38.21 -16.15
C ALA A 361 13.94 -38.28 -15.97
N TYR A 362 14.35 -38.50 -14.71
CA TYR A 362 15.75 -38.56 -14.33
C TYR A 362 16.49 -37.25 -14.60
N ARG A 363 15.76 -36.16 -14.77
CA ARG A 363 16.33 -34.84 -15.04
C ARG A 363 15.69 -33.81 -14.12
N PRO A 364 16.01 -33.85 -12.83
CA PRO A 364 15.46 -32.84 -11.91
C PRO A 364 16.07 -31.48 -12.15
N GLY A 365 15.31 -30.45 -11.79
CA GLY A 365 15.84 -29.10 -11.90
C GLY A 365 17.03 -28.91 -10.98
N VAL A 366 18.02 -28.17 -11.48
CA VAL A 366 19.24 -27.87 -10.72
C VAL A 366 19.20 -26.40 -10.33
N TYR A 367 19.44 -26.14 -9.05
CA TYR A 367 19.39 -24.80 -8.49
C TYR A 367 20.71 -24.50 -7.79
N GLY A 368 21.06 -23.23 -7.71
CA GLY A 368 22.19 -22.83 -6.91
C GLY A 368 21.93 -23.08 -5.44
N ASN A 369 23.01 -23.32 -4.70
CA ASN A 369 22.91 -23.55 -3.25
C ASN A 369 23.08 -22.20 -2.58
N VAL A 370 21.95 -21.51 -2.35
CA VAL A 370 22.00 -20.19 -1.72
C VAL A 370 22.61 -20.29 -0.33
N MET A 371 22.51 -21.45 0.31
CA MET A 371 23.15 -21.63 1.61
C MET A 371 24.65 -21.42 1.50
N VAL A 372 25.25 -21.88 0.40
CA VAL A 372 26.68 -21.69 0.20
C VAL A 372 27.00 -20.21 -0.04
N PHE A 373 26.13 -19.51 -0.77
CA PHE A 373 26.40 -18.15 -1.20
C PHE A 373 25.89 -17.10 -0.22
N THR A 374 25.34 -17.50 0.93
CA THR A 374 24.82 -16.50 1.87
C THR A 374 25.94 -15.62 2.42
N ASP A 375 27.11 -16.19 2.66
CA ASP A 375 28.22 -15.40 3.18
C ASP A 375 28.67 -14.35 2.16
N TRP A 376 28.81 -14.76 0.89
CA TRP A 376 29.17 -13.82 -0.16
C TRP A 376 28.08 -12.78 -0.36
N ILE A 377 26.81 -13.18 -0.22
CA ILE A 377 25.71 -12.24 -0.31
C ILE A 377 25.83 -11.19 0.79
N TYR A 378 26.11 -11.64 2.02
CA TYR A 378 26.25 -10.70 3.13
C TYR A 378 27.41 -9.75 2.90
N ARG A 379 28.53 -10.27 2.38
CA ARG A 379 29.67 -9.41 2.08
C ARG A 379 29.30 -8.34 1.07
N GLN A 380 28.61 -8.74 -0.02
CA GLN A 380 28.27 -7.77 -1.06
C GLN A 380 27.22 -6.78 -0.58
N MET A 381 26.35 -7.17 0.35
CA MET A 381 25.35 -6.26 0.89
C MET A 381 25.95 -5.30 1.90
N ARG A 382 26.99 -5.73 2.63
CA ARG A 382 27.68 -4.82 3.54
C ARG A 382 28.52 -3.82 2.77
N ALA A 383 29.24 -4.28 1.75
CA ALA A 383 30.11 -3.40 0.96
C ALA A 383 29.30 -2.61 -0.06
N ASP A 384 28.35 -1.84 0.45
CA ASP A 384 27.52 -0.96 -0.36
C ASP A 384 27.96 0.47 -0.10
N GLY A 385 28.58 1.09 -1.09
CA GLY A 385 29.14 2.42 -0.94
C GLY A 385 30.64 2.36 -0.70
N GLU A 386 31.08 1.35 0.05
CA GLU A 386 32.50 1.14 0.32
C GLU A 386 32.68 -0.12 1.15
N ASP B 1 8.89 0.92 22.19
CA ASP B 1 9.26 2.14 22.96
C ASP B 1 9.26 1.85 24.46
N ILE B 2 10.42 1.96 25.08
CA ILE B 2 10.57 1.76 26.53
C ILE B 2 10.45 3.14 27.18
N GLN B 3 9.24 3.49 27.60
CA GLN B 3 9.04 4.77 28.26
C GLN B 3 9.63 4.75 29.66
N MET B 4 9.97 5.94 30.16
CA MET B 4 10.52 6.08 31.50
C MET B 4 9.85 7.25 32.19
N THR B 5 9.60 7.09 33.49
CA THR B 5 8.91 8.08 34.30
C THR B 5 9.82 8.48 35.46
N GLN B 6 10.39 9.67 35.37
CA GLN B 6 11.36 10.15 36.36
C GLN B 6 10.67 11.12 37.32
N SER B 7 10.77 10.83 38.60
CA SER B 7 10.21 11.66 39.67
C SER B 7 11.25 11.80 40.76
N PRO B 8 11.19 12.87 41.56
CA PRO B 8 10.21 13.97 41.48
C PRO B 8 10.49 14.92 40.32
N SER B 9 9.44 15.52 39.76
CA SER B 9 9.63 16.42 38.63
C SER B 9 10.51 17.60 38.99
N SER B 10 10.62 17.93 40.28
CA SER B 10 11.50 18.99 40.74
C SER B 10 11.65 18.85 42.25
N LEU B 11 12.76 19.37 42.78
CA LEU B 11 13.03 19.25 44.20
C LEU B 11 13.86 20.43 44.67
N SER B 12 13.39 21.10 45.71
CA SER B 12 14.17 22.13 46.39
C SER B 12 14.97 21.43 47.48
N ALA B 13 16.24 21.20 47.22
CA ALA B 13 17.10 20.43 48.11
C ALA B 13 17.88 21.35 49.03
N SER B 14 18.49 20.75 50.05
CA SER B 14 19.26 21.47 51.05
C SER B 14 20.74 21.37 50.73
N LEU B 15 21.42 22.52 50.68
CA LEU B 15 22.85 22.53 50.43
C LEU B 15 23.59 21.85 51.56
N GLY B 16 24.58 21.02 51.22
CA GLY B 16 25.32 20.28 52.21
C GLY B 16 24.58 19.11 52.82
N GLY B 17 23.54 18.62 52.15
CA GLY B 17 22.76 17.51 52.66
C GLY B 17 22.75 16.32 51.71
N LYS B 18 21.56 15.83 51.37
CA LYS B 18 21.43 14.66 50.52
C LYS B 18 20.15 14.77 49.70
N VAL B 19 20.10 14.00 48.62
CA VAL B 19 18.96 14.02 47.71
C VAL B 19 19.01 12.75 46.87
N THR B 20 17.84 12.26 46.48
CA THR B 20 17.72 11.08 45.63
C THR B 20 16.59 11.28 44.63
N ILE B 21 16.89 11.08 43.35
CA ILE B 21 15.93 11.25 42.27
C ILE B 21 15.60 9.88 41.71
N THR B 22 14.31 9.58 41.60
CA THR B 22 13.84 8.25 41.23
C THR B 22 13.44 8.22 39.75
N CYS B 23 13.88 7.17 39.06
CA CYS B 23 13.52 6.94 37.67
C CYS B 23 13.01 5.51 37.55
N LYS B 24 11.93 5.33 36.78
CA LYS B 24 11.33 4.02 36.56
C LYS B 24 11.13 3.78 35.08
N ALA B 25 11.09 2.51 34.70
CA ALA B 25 11.07 2.10 33.31
C ALA B 25 9.77 1.37 32.98
N SER B 26 9.44 1.33 31.69
CA SER B 26 8.31 0.56 31.18
C SER B 26 8.72 -0.83 30.74
N GLN B 27 9.97 -1.23 30.96
CA GLN B 27 10.43 -2.57 30.65
C GLN B 27 11.62 -2.89 31.55
N ASP B 28 12.14 -4.10 31.43
CA ASP B 28 13.33 -4.53 32.15
C ASP B 28 14.53 -4.17 31.30
N ILE B 29 15.26 -3.13 31.69
CA ILE B 29 16.34 -2.59 30.89
C ILE B 29 17.70 -3.13 31.36
N ASN B 30 17.71 -4.20 32.14
CA ASN B 30 18.95 -4.91 32.48
C ASN B 30 20.00 -3.95 33.03
N LYS B 31 19.56 -3.00 33.85
CA LYS B 31 20.44 -2.02 34.50
C LYS B 31 21.17 -1.14 33.49
N TYR B 32 20.65 -1.01 32.28
CA TYR B 32 21.28 -0.15 31.28
C TYR B 32 20.73 1.27 31.37
N ILE B 33 20.90 1.86 32.55
CA ILE B 33 20.51 3.23 32.81
C ILE B 33 21.76 4.09 32.92
N ALA B 34 21.67 5.33 32.44
CA ALA B 34 22.73 6.30 32.57
C ALA B 34 22.16 7.62 33.06
N TRP B 35 22.97 8.36 33.81
CA TRP B 35 22.54 9.62 34.41
C TRP B 35 23.42 10.75 33.89
N TYR B 36 22.78 11.82 33.42
CA TYR B 36 23.46 12.95 32.82
C TYR B 36 23.19 14.21 33.62
N GLN B 37 24.21 15.04 33.76
CA GLN B 37 24.02 16.40 34.26
C GLN B 37 23.56 17.29 33.11
N HIS B 38 23.08 18.49 33.47
CA HIS B 38 22.68 19.46 32.45
C HIS B 38 22.87 20.86 33.03
N LYS B 39 24.01 21.46 32.73
CA LYS B 39 24.23 22.85 33.06
C LYS B 39 23.45 23.74 32.10
N PRO B 40 23.16 24.98 32.50
CA PRO B 40 22.26 25.81 31.68
C PRO B 40 22.72 25.96 30.24
N GLY B 41 24.03 26.07 30.00
CA GLY B 41 24.51 26.26 28.64
C GLY B 41 25.82 25.56 28.34
N LYS B 42 26.22 24.62 29.18
CA LYS B 42 27.47 23.89 28.99
C LYS B 42 27.26 22.48 28.46
N GLY B 43 26.07 22.18 27.93
CA GLY B 43 25.79 20.89 27.37
C GLY B 43 25.69 19.82 28.44
N PRO B 44 24.98 18.72 28.15
CA PRO B 44 24.90 17.64 29.13
C PRO B 44 26.26 16.99 29.37
N ARG B 45 26.43 16.46 30.58
CA ARG B 45 27.63 15.73 30.96
C ARG B 45 27.22 14.38 31.51
N LEU B 46 27.86 13.32 31.02
CA LEU B 46 27.59 11.99 31.53
C LEU B 46 28.22 11.83 32.90
N LEU B 47 27.44 11.31 33.86
CA LEU B 47 27.91 11.06 35.21
C LEU B 47 27.94 9.58 35.53
N ILE B 48 26.81 8.89 35.37
CA ILE B 48 26.65 7.49 35.74
C ILE B 48 26.20 6.72 34.52
N HIS B 49 26.78 5.55 34.31
CA HIS B 49 26.30 4.63 33.29
C HIS B 49 26.29 3.21 33.85
N TYR B 50 25.18 2.51 33.63
CA TYR B 50 24.96 1.13 34.06
C TYR B 50 24.68 1.01 35.55
N THR B 51 24.20 2.07 36.19
CA THR B 51 23.71 2.01 37.56
C THR B 51 24.81 1.87 38.60
N SER B 52 26.06 1.65 38.17
CA SER B 52 27.13 1.36 39.13
C SER B 52 28.48 1.96 38.78
N THR B 53 28.60 2.71 37.69
CA THR B 53 29.89 3.23 37.25
C THR B 53 29.80 4.72 37.00
N LEU B 54 30.82 5.45 37.44
CA LEU B 54 30.93 6.88 37.23
C LEU B 54 32.03 7.14 36.21
N GLN B 55 31.72 7.91 35.18
CA GLN B 55 32.70 8.13 34.13
C GLN B 55 33.93 8.81 34.72
N PRO B 56 35.15 8.37 34.37
CA PRO B 56 36.35 8.87 35.05
C PRO B 56 36.39 10.38 35.20
N GLY B 57 37.14 10.85 36.19
CA GLY B 57 37.26 12.27 36.45
C GLY B 57 35.96 12.91 36.91
N ILE B 58 35.20 12.22 37.75
CA ILE B 58 33.92 12.73 38.24
C ILE B 58 33.88 12.53 39.75
N PRO B 59 33.23 13.40 40.51
CA PRO B 59 33.26 13.26 41.97
C PRO B 59 32.72 11.91 42.43
N SER B 60 33.36 11.35 43.45
CA SER B 60 32.93 10.08 44.01
C SER B 60 31.62 10.21 44.78
N ARG B 61 31.25 11.42 45.18
CA ARG B 61 30.00 11.65 45.90
C ARG B 61 28.78 11.33 45.04
N PHE B 62 28.95 11.19 43.73
CA PHE B 62 27.86 10.75 42.85
C PHE B 62 27.81 9.23 42.85
N SER B 63 26.60 8.68 42.99
CA SER B 63 26.42 7.24 42.93
C SER B 63 24.96 6.92 42.67
N GLY B 64 24.72 5.93 41.81
CA GLY B 64 23.38 5.47 41.53
C GLY B 64 23.30 3.97 41.74
N SER B 65 22.08 3.45 41.61
CA SER B 65 21.84 2.03 41.84
C SER B 65 20.43 1.70 41.37
N GLY B 66 20.10 0.41 41.42
CA GLY B 66 18.78 -0.04 41.05
C GLY B 66 18.80 -1.34 40.26
N SER B 67 17.62 -1.77 39.81
CA SER B 67 17.49 -2.96 38.98
C SER B 67 16.02 -3.04 38.56
N GLY B 68 15.71 -4.07 37.79
CA GLY B 68 14.33 -4.29 37.39
C GLY B 68 13.80 -3.11 36.58
N ARG B 69 12.74 -2.49 37.08
CA ARG B 69 12.11 -1.37 36.41
C ARG B 69 12.24 -0.06 37.17
N ASP B 70 12.67 -0.08 38.44
CA ASP B 70 12.85 1.12 39.23
C ASP B 70 14.33 1.29 39.55
N TYR B 71 14.81 2.53 39.42
CA TYR B 71 16.21 2.86 39.61
C TYR B 71 16.31 4.10 40.50
N SER B 72 17.49 4.28 41.08
CA SER B 72 17.72 5.38 42.00
C SER B 72 19.04 6.06 41.68
N PHE B 73 19.16 7.32 42.10
CA PHE B 73 20.38 8.10 41.94
C PHE B 73 20.43 9.13 43.07
N SER B 74 21.49 9.10 43.87
CA SER B 74 21.64 9.96 45.02
C SER B 74 22.99 10.66 44.99
N ILE B 75 23.03 11.86 45.57
CA ILE B 75 24.22 12.69 45.63
C ILE B 75 24.24 13.37 47.00
N TYR B 76 25.31 13.17 47.76
CA TYR B 76 25.41 13.68 49.12
C TYR B 76 26.46 14.79 49.19
N ASN B 77 26.32 15.62 50.22
CA ASN B 77 27.15 16.82 50.40
C ASN B 77 27.00 17.74 49.18
N LEU B 78 25.77 18.21 48.98
CA LEU B 78 25.47 19.04 47.83
C LEU B 78 26.30 20.32 47.85
N GLU B 79 26.89 20.64 46.70
CA GLU B 79 27.65 21.85 46.50
C GLU B 79 27.01 22.69 45.40
N PRO B 80 27.34 23.98 45.30
CA PRO B 80 26.75 24.79 44.24
C PRO B 80 27.02 24.25 42.85
N GLU B 81 28.13 23.52 42.67
CA GLU B 81 28.46 22.98 41.35
C GLU B 81 27.48 21.91 40.90
N ASP B 82 26.68 21.36 41.81
CA ASP B 82 25.77 20.27 41.49
C ASP B 82 24.37 20.74 41.12
N ILE B 83 24.13 22.05 41.05
CA ILE B 83 22.82 22.55 40.64
C ILE B 83 22.66 22.30 39.15
N ALA B 84 21.83 21.32 38.78
CA ALA B 84 21.65 20.96 37.39
C ALA B 84 20.35 20.18 37.25
N THR B 85 19.93 19.98 36.00
CA THR B 85 18.74 19.22 35.67
C THR B 85 19.19 17.82 35.27
N TYR B 86 19.18 16.90 36.23
CA TYR B 86 19.65 15.53 36.00
C TYR B 86 18.63 14.73 35.23
N TYR B 87 19.12 13.83 34.37
CA TYR B 87 18.27 12.99 33.53
C TYR B 87 18.69 11.53 33.67
N CYS B 88 17.73 10.64 33.47
CA CYS B 88 17.97 9.20 33.38
C CYS B 88 17.77 8.76 31.94
N LEU B 89 18.76 8.06 31.39
CA LEU B 89 18.71 7.58 30.01
C LEU B 89 18.86 6.07 30.01
N GLN B 90 17.97 5.40 29.29
CA GLN B 90 18.07 3.97 29.04
C GLN B 90 18.55 3.75 27.62
N TYR B 91 19.60 2.95 27.46
CA TYR B 91 20.09 2.54 26.16
C TYR B 91 19.97 1.03 26.01
N TYR B 92 18.90 0.46 26.56
CA TYR B 92 18.63 -0.96 26.39
C TYR B 92 17.94 -1.24 25.07
N ASN B 93 16.94 -0.43 24.71
CA ASN B 93 16.25 -0.55 23.43
C ASN B 93 16.07 0.86 22.88
N LEU B 94 16.75 1.17 21.78
CA LEU B 94 16.78 2.54 21.28
C LEU B 94 17.24 3.42 22.45
N TRP B 95 16.84 4.68 22.47
CA TRP B 95 17.22 5.58 23.54
C TRP B 95 16.01 6.33 24.06
N THR B 96 16.02 6.62 25.36
CA THR B 96 14.93 7.32 26.02
C THR B 96 15.47 8.07 27.21
N PHE B 97 14.97 9.29 27.41
CA PHE B 97 15.37 10.14 28.52
C PHE B 97 14.27 10.18 29.58
N GLY B 98 14.65 10.63 30.78
CA GLY B 98 13.70 10.86 31.83
C GLY B 98 13.02 12.22 31.68
N GLY B 99 12.25 12.58 32.70
CA GLY B 99 11.60 13.88 32.70
C GLY B 99 12.49 15.02 33.15
N GLY B 100 13.52 14.72 33.94
CA GLY B 100 14.39 15.76 34.46
C GLY B 100 13.89 16.30 35.79
N THR B 101 14.83 16.79 36.60
CA THR B 101 14.51 17.32 37.92
C THR B 101 15.39 18.53 38.19
N LYS B 102 14.76 19.66 38.54
CA LYS B 102 15.48 20.88 38.87
C LYS B 102 15.97 20.78 40.31
N LEU B 103 17.29 20.68 40.50
CA LEU B 103 17.89 20.53 41.81
C LEU B 103 18.33 21.91 42.29
N GLU B 104 17.40 22.60 42.95
CA GLU B 104 17.60 23.97 43.41
C GLU B 104 17.80 23.99 44.92
N ILE B 105 18.82 24.72 45.37
CA ILE B 105 19.12 24.79 46.79
C ILE B 105 17.98 25.49 47.52
N LYS B 106 17.86 25.22 48.82
CA LYS B 106 16.88 25.89 49.67
C LYS B 106 17.59 26.66 50.78
N ASP C 1 43.88 14.40 20.87
CA ASP C 1 42.86 15.44 20.55
C ASP C 1 41.52 15.10 21.18
N GLN C 2 40.89 16.10 21.79
CA GLN C 2 39.56 15.91 22.34
C GLN C 2 38.55 15.78 21.20
N VAL C 3 37.75 14.72 21.24
CA VAL C 3 36.77 14.47 20.20
C VAL C 3 35.79 15.65 20.17
N GLN C 4 35.78 16.39 19.07
CA GLN C 4 34.98 17.60 18.94
C GLN C 4 33.87 17.37 17.92
N LEU C 5 32.69 17.89 18.22
CA LEU C 5 31.50 17.72 17.39
C LEU C 5 30.88 19.08 17.07
N GLN C 6 31.72 20.01 16.61
CA GLN C 6 31.27 21.35 16.27
C GLN C 6 30.01 21.31 15.41
N GLN C 7 28.96 21.96 15.89
CA GLN C 7 27.71 22.09 15.16
C GLN C 7 27.65 23.41 14.42
N SER C 8 26.64 23.56 13.56
CA SER C 8 26.41 24.82 12.91
C SER C 8 25.92 25.86 13.92
N GLY C 9 26.02 27.12 13.53
CA GLY C 9 25.55 28.19 14.38
C GLY C 9 24.04 28.20 14.51
N ALA C 10 23.55 28.97 15.48
CA ALA C 10 22.12 29.10 15.68
C ALA C 10 21.46 29.65 14.42
N GLU C 11 20.31 29.11 14.07
CA GLU C 11 19.61 29.48 12.84
C GLU C 11 18.15 29.73 13.13
N LEU C 12 17.51 30.48 12.22
CA LEU C 12 16.10 30.78 12.29
C LEU C 12 15.49 30.64 10.90
N ALA C 13 14.23 30.22 10.86
CA ALA C 13 13.53 30.04 9.59
C ALA C 13 12.03 30.19 9.83
N ARG C 14 11.31 30.49 8.76
CA ARG C 14 9.88 30.74 8.88
C ARG C 14 9.13 29.43 9.13
N PRO C 15 7.96 29.50 9.76
CA PRO C 15 7.14 28.29 9.93
C PRO C 15 6.80 27.67 8.59
N GLY C 16 6.83 26.34 8.54
CA GLY C 16 6.64 25.62 7.31
C GLY C 16 7.86 25.51 6.43
N ALA C 17 8.99 26.08 6.85
CA ALA C 17 10.22 25.99 6.09
C ALA C 17 11.02 24.78 6.57
N SER C 18 12.28 24.68 6.13
CA SER C 18 13.15 23.57 6.47
C SER C 18 14.51 24.07 6.90
N VAL C 19 15.06 23.46 7.94
CA VAL C 19 16.39 23.81 8.46
C VAL C 19 17.24 22.55 8.43
N LYS C 20 18.43 22.65 7.85
CA LYS C 20 19.36 21.54 7.72
C LYS C 20 20.56 21.83 8.63
N LEU C 21 20.50 21.30 9.85
CA LEU C 21 21.62 21.45 10.78
C LEU C 21 22.78 20.55 10.36
N SER C 22 23.98 20.93 10.78
CA SER C 22 25.18 20.17 10.52
C SER C 22 26.00 20.03 11.78
N CYS C 23 26.72 18.91 11.90
CA CYS C 23 27.55 18.62 13.07
C CYS C 23 28.84 17.98 12.57
N LYS C 24 29.85 18.80 12.31
CA LYS C 24 31.14 18.29 11.89
C LYS C 24 31.86 17.64 13.06
N ALA C 25 32.43 16.47 12.81
CA ALA C 25 33.07 15.67 13.85
C ALA C 25 34.55 15.56 13.57
N SER C 26 35.36 15.74 14.62
CA SER C 26 36.81 15.63 14.52
C SER C 26 37.33 14.90 15.75
N GLY C 27 38.54 14.38 15.63
CA GLY C 27 39.18 13.67 16.72
C GLY C 27 38.94 12.18 16.74
N TYR C 28 38.12 11.65 15.84
CA TYR C 28 37.86 10.22 15.78
C TYR C 28 37.49 9.84 14.35
N THR C 29 37.64 8.55 14.05
CA THR C 29 37.30 8.02 12.73
C THR C 29 35.80 8.14 12.52
N PHE C 30 35.39 9.03 11.63
CA PHE C 30 33.97 9.34 11.48
C PHE C 30 33.13 8.10 11.20
N THR C 31 33.69 7.12 10.50
CA THR C 31 32.95 5.93 10.12
C THR C 31 32.85 4.91 11.25
N SER C 32 33.68 5.03 12.29
CA SER C 32 33.76 3.96 13.28
C SER C 32 32.54 3.95 14.19
N CYS C 33 32.07 5.12 14.64
CA CYS C 33 30.98 5.22 15.60
C CYS C 33 29.74 5.78 14.92
N GLY C 34 28.70 5.98 15.73
CA GLY C 34 27.44 6.54 15.24
C GLY C 34 27.11 7.85 15.89
N ILE C 35 26.29 8.67 15.24
CA ILE C 35 25.98 10.03 15.68
C ILE C 35 24.49 10.11 15.95
N SER C 36 24.13 10.69 17.09
CA SER C 36 22.75 10.81 17.53
C SER C 36 22.36 12.28 17.61
N TRP C 37 21.06 12.53 17.47
CA TRP C 37 20.52 13.88 17.57
C TRP C 37 19.48 13.90 18.69
N VAL C 38 19.70 14.80 19.65
CA VAL C 38 18.91 14.86 20.88
C VAL C 38 18.28 16.23 20.98
N LYS C 39 16.96 16.27 21.17
CA LYS C 39 16.22 17.52 21.30
C LYS C 39 16.14 17.94 22.76
N GLN C 40 16.25 19.24 23.00
CA GLN C 40 16.23 19.81 24.34
C GLN C 40 15.27 20.98 24.34
N ARG C 41 14.12 20.82 24.98
CA ARG C 41 13.07 21.83 24.98
C ARG C 41 12.81 22.34 26.39
N THR C 42 12.33 23.57 26.47
CA THR C 42 11.92 24.16 27.73
C THR C 42 10.52 23.63 28.10
N GLY C 43 10.42 23.02 29.27
CA GLY C 43 9.19 22.41 29.74
C GLY C 43 9.05 20.94 29.36
N GLN C 44 9.56 20.56 28.19
CA GLN C 44 9.47 19.19 27.70
C GLN C 44 10.72 18.38 27.98
N GLY C 45 11.76 18.98 28.55
CA GLY C 45 12.97 18.23 28.86
C GLY C 45 13.72 17.80 27.60
N LEU C 46 14.61 16.83 27.79
CA LEU C 46 15.37 16.26 26.69
C LEU C 46 14.53 15.22 25.95
N GLU C 47 14.83 15.06 24.66
CA GLU C 47 14.16 14.07 23.83
C GLU C 47 15.17 13.54 22.82
N TRP C 48 14.84 12.38 22.24
CA TRP C 48 15.71 11.69 21.30
C TRP C 48 15.06 11.67 19.92
N ILE C 49 15.82 12.07 18.91
CA ILE C 49 15.30 12.17 17.54
C ILE C 49 15.65 10.90 16.77
N GLY C 50 16.93 10.63 16.59
CA GLY C 50 17.33 9.48 15.80
C GLY C 50 18.84 9.33 15.79
N GLU C 51 19.28 8.26 15.13
CA GLU C 51 20.68 7.88 15.08
C GLU C 51 21.10 7.71 13.61
N ILE C 52 22.30 8.17 13.27
CA ILE C 52 22.86 8.02 11.94
C ILE C 52 24.21 7.33 12.08
N TYR C 53 24.43 6.31 11.25
CA TYR C 53 25.69 5.58 11.26
C TYR C 53 26.43 5.83 9.94
N PRO C 54 27.50 6.61 9.94
CA PRO C 54 28.13 6.99 8.65
C PRO C 54 28.64 5.82 7.84
N ARG C 55 28.88 4.67 8.45
CA ARG C 55 29.44 3.56 7.70
C ARG C 55 28.54 3.13 6.54
N GLY C 56 27.23 3.02 6.80
CA GLY C 56 26.31 2.59 5.78
C GLY C 56 25.07 3.44 5.68
N GLY C 57 24.96 4.45 6.55
CA GLY C 57 23.78 5.30 6.56
C GLY C 57 22.61 4.74 7.33
N ASN C 58 22.79 3.65 8.07
CA ASN C 58 21.70 3.06 8.83
C ASN C 58 21.11 4.10 9.78
N THR C 59 19.80 4.25 9.74
CA THR C 59 19.11 5.30 10.48
C THR C 59 18.01 4.71 11.36
N TYR C 60 17.91 5.24 12.57
CA TYR C 60 16.83 4.91 13.49
C TYR C 60 16.18 6.19 13.94
N TYR C 61 14.85 6.19 14.00
CA TYR C 61 14.08 7.38 14.35
C TYR C 61 13.12 7.07 15.49
N ASN C 62 12.74 8.12 16.21
CA ASN C 62 11.67 8.03 17.19
C ASN C 62 10.31 8.06 16.50
N GLU C 63 9.31 7.54 17.18
CA GLU C 63 7.96 7.51 16.61
C GLU C 63 7.47 8.92 16.31
N LYS C 64 7.71 9.86 17.22
CA LYS C 64 7.20 11.21 17.05
C LYS C 64 7.79 11.89 15.81
N PHE C 65 9.08 11.67 15.56
CA PHE C 65 9.84 12.49 14.64
C PHE C 65 9.88 11.93 13.22
N LYS C 66 9.19 10.82 12.96
CA LYS C 66 9.16 10.28 11.60
C LYS C 66 8.64 11.33 10.63
N GLY C 67 9.37 11.54 9.53
CA GLY C 67 8.99 12.52 8.54
C GLY C 67 9.40 13.92 8.91
N LYS C 68 9.33 14.26 10.19
CA LYS C 68 9.73 15.58 10.65
C LYS C 68 11.24 15.76 10.57
N ALA C 69 12.00 14.66 10.63
CA ALA C 69 13.45 14.71 10.60
C ALA C 69 13.97 13.73 9.57
N THR C 70 15.11 14.07 8.96
CA THR C 70 15.75 13.25 7.92
C THR C 70 17.26 13.33 8.16
N LEU C 71 17.79 12.36 8.90
CA LEU C 71 19.22 12.34 9.17
C LEU C 71 20.00 12.14 7.88
N THR C 72 21.18 12.75 7.81
CA THR C 72 22.00 12.69 6.62
C THR C 72 23.47 12.78 7.03
N ALA C 73 24.33 12.12 6.25
CA ALA C 73 25.76 12.13 6.52
C ALA C 73 26.52 12.08 5.21
N ASP C 74 27.75 12.60 5.24
CA ASP C 74 28.66 12.56 4.10
C ASP C 74 30.04 12.18 4.64
N LYS C 75 30.47 10.96 4.36
CA LYS C 75 31.68 10.44 4.99
C LYS C 75 32.90 11.27 4.62
N SER C 76 33.04 11.62 3.34
CA SER C 76 34.26 12.26 2.87
C SER C 76 34.49 13.59 3.57
N SER C 77 33.43 14.41 3.69
CA SER C 77 33.56 15.67 4.39
C SER C 77 33.67 15.48 5.90
N SER C 78 33.26 14.33 6.42
CA SER C 78 33.34 14.02 7.85
C SER C 78 32.44 14.96 8.66
N THR C 79 31.18 15.05 8.25
CA THR C 79 30.21 15.87 8.96
C THR C 79 28.81 15.34 8.68
N ALA C 80 28.01 15.23 9.74
CA ALA C 80 26.65 14.69 9.67
C ALA C 80 25.64 15.82 9.75
N TYR C 81 24.47 15.58 9.16
CA TYR C 81 23.42 16.59 9.06
C TYR C 81 22.10 16.03 9.56
N MET C 82 21.23 16.93 9.99
CA MET C 82 19.85 16.60 10.33
C MET C 82 18.94 17.63 9.70
N GLU C 83 18.00 17.17 8.88
CA GLU C 83 17.08 18.05 8.16
C GLU C 83 15.72 18.01 8.84
N LEU C 84 15.21 19.18 9.22
CA LEU C 84 13.89 19.33 9.80
C LEU C 84 12.96 19.96 8.78
N ARG C 85 11.78 19.37 8.60
CA ARG C 85 10.83 19.82 7.60
C ARG C 85 9.55 20.31 8.27
N SER C 86 8.91 21.29 7.62
CA SER C 86 7.65 21.86 8.10
C SER C 86 7.78 22.32 9.55
N LEU C 87 8.88 23.03 9.82
CA LEU C 87 9.12 23.53 11.17
C LEU C 87 7.95 24.39 11.63
N THR C 88 7.59 24.23 12.91
CA THR C 88 6.42 24.91 13.45
C THR C 88 6.72 25.52 14.81
N SER C 89 5.68 25.96 15.52
CA SER C 89 5.88 26.70 16.75
C SER C 89 6.64 25.90 17.80
N GLU C 90 6.45 24.58 17.82
CA GLU C 90 7.04 23.74 18.86
C GLU C 90 8.37 23.11 18.44
N ASP C 91 8.87 23.40 17.25
CA ASP C 91 10.14 22.86 16.80
C ASP C 91 11.32 23.75 17.16
N SER C 92 11.17 24.61 18.16
CA SER C 92 12.24 25.53 18.58
C SER C 92 12.96 24.94 19.78
N ALA C 93 14.08 24.26 19.53
CA ALA C 93 14.82 23.59 20.58
C ALA C 93 16.31 23.84 20.37
N VAL C 94 17.09 23.50 21.41
CA VAL C 94 18.56 23.51 21.30
C VAL C 94 18.95 22.07 20.95
N TYR C 95 18.98 21.78 19.67
CA TYR C 95 19.26 20.43 19.22
C TYR C 95 20.72 20.09 19.46
N PHE C 96 20.97 18.93 20.07
CA PHE C 96 22.30 18.47 20.41
C PHE C 96 22.70 17.34 19.49
N CYS C 97 23.92 17.41 18.96
CA CYS C 97 24.52 16.33 18.20
C CYS C 97 25.47 15.58 19.12
N ALA C 98 25.18 14.29 19.34
CA ALA C 98 25.93 13.48 20.29
C ALA C 98 26.45 12.22 19.61
N ARG C 99 27.70 11.89 19.88
CA ARG C 99 28.33 10.70 19.33
C ARG C 99 28.32 9.60 20.40
N GLU C 100 27.68 8.48 20.10
CA GLU C 100 27.68 7.37 21.03
C GLU C 100 29.06 6.73 21.11
N ASN C 101 29.41 6.26 22.31
CA ASN C 101 30.77 5.79 22.55
C ASN C 101 31.22 4.78 21.51
N GLY C 102 30.39 3.79 21.25
CA GLY C 102 30.73 2.76 20.28
C GLY C 102 29.49 2.00 19.87
N ASN C 103 29.64 1.19 18.84
CA ASN C 103 28.51 0.43 18.33
C ASN C 103 28.02 -0.60 19.33
N TYR C 104 28.87 -1.02 20.26
CA TYR C 104 28.50 -1.91 21.35
C TYR C 104 28.66 -1.20 22.69
N ASP C 105 28.37 0.10 22.71
CA ASP C 105 28.32 0.90 23.92
C ASP C 105 27.52 2.17 23.62
N PRO C 106 26.20 2.06 23.42
CA PRO C 106 25.43 3.22 22.95
C PRO C 106 25.27 4.31 24.00
N LEU C 107 26.38 4.82 24.52
CA LEU C 107 26.39 5.85 25.54
C LEU C 107 26.80 7.17 24.92
N PHE C 108 26.03 8.22 25.19
CA PHE C 108 26.36 9.56 24.72
C PHE C 108 27.36 10.17 25.70
N ALA C 109 28.64 9.91 25.43
CA ALA C 109 29.71 10.53 26.21
C ALA C 109 30.15 11.86 25.65
N TYR C 110 30.07 12.04 24.34
CA TYR C 110 30.48 13.27 23.67
C TYR C 110 29.27 13.95 23.06
N TRP C 111 29.21 15.27 23.18
CA TRP C 111 28.06 16.04 22.73
C TRP C 111 28.53 17.23 21.90
N GLY C 112 27.63 17.71 21.05
CA GLY C 112 27.88 18.95 20.36
C GLY C 112 27.75 20.15 21.29
N GLN C 113 28.14 21.31 20.78
CA GLN C 113 28.05 22.53 21.58
C GLN C 113 26.64 23.09 21.64
N GLY C 114 25.73 22.60 20.79
CA GLY C 114 24.36 23.07 20.80
C GLY C 114 24.10 24.10 19.71
N THR C 115 22.93 24.02 19.08
CA THR C 115 22.54 24.94 18.02
C THR C 115 21.08 25.32 18.26
N LEU C 116 20.85 26.50 18.83
CA LEU C 116 19.50 26.95 19.14
C LEU C 116 18.74 27.20 17.85
N VAL C 117 17.80 26.32 17.53
CA VAL C 117 16.94 26.48 16.36
C VAL C 117 15.64 27.12 16.82
N THR C 118 15.29 28.24 16.20
CA THR C 118 14.06 28.95 16.51
C THR C 118 13.27 29.17 15.25
N VAL C 119 11.95 29.19 15.38
CA VAL C 119 11.03 29.31 14.26
C VAL C 119 10.31 30.65 14.36
N SER C 120 10.32 31.41 13.27
CA SER C 120 9.68 32.72 13.25
C SER C 120 8.17 32.59 13.46
N ASP D 1 -3.62 -3.56 -29.41
CA ASP D 1 -4.85 -3.22 -28.67
C ASP D 1 -5.98 -4.19 -29.01
N VAL D 2 -6.96 -4.28 -28.12
CA VAL D 2 -8.15 -5.11 -28.31
C VAL D 2 -9.37 -4.20 -28.19
N VAL D 3 -10.29 -4.32 -29.14
CA VAL D 3 -11.56 -3.59 -29.11
C VAL D 3 -12.67 -4.62 -29.07
N VAL D 4 -13.39 -4.68 -27.96
CA VAL D 4 -14.53 -5.57 -27.81
C VAL D 4 -15.71 -4.98 -28.57
N THR D 5 -16.41 -5.83 -29.30
CA THR D 5 -17.62 -5.45 -30.02
C THR D 5 -18.80 -6.17 -29.38
N GLN D 6 -19.79 -5.41 -28.94
CA GLN D 6 -20.96 -5.94 -28.24
C GLN D 6 -22.19 -5.75 -29.10
N SER D 7 -22.90 -6.84 -29.36
CA SER D 7 -24.13 -6.81 -30.14
C SER D 7 -25.17 -7.67 -29.44
N PRO D 8 -26.46 -7.33 -29.58
CA PRO D 8 -27.01 -6.17 -30.30
C PRO D 8 -26.93 -4.89 -29.49
N ALA D 9 -27.16 -3.75 -30.14
CA ALA D 9 -27.21 -2.47 -29.44
C ALA D 9 -28.40 -2.37 -28.48
N SER D 10 -29.38 -3.26 -28.62
CA SER D 10 -30.55 -3.26 -27.75
C SER D 10 -31.34 -4.53 -28.01
N LEU D 11 -31.90 -5.11 -26.95
CA LEU D 11 -32.59 -6.38 -27.03
C LEU D 11 -33.82 -6.35 -26.13
N ALA D 12 -35.00 -6.45 -26.74
CA ALA D 12 -36.27 -6.47 -26.02
C ALA D 12 -36.74 -7.90 -25.88
N VAL D 13 -37.01 -8.32 -24.64
CA VAL D 13 -37.38 -9.69 -24.32
C VAL D 13 -38.54 -9.67 -23.33
N SER D 14 -39.50 -10.58 -23.54
CA SER D 14 -40.60 -10.73 -22.61
C SER D 14 -40.10 -11.32 -21.29
N LEU D 15 -40.76 -10.94 -20.20
CA LEU D 15 -40.42 -11.49 -18.90
C LEU D 15 -40.55 -13.01 -18.94
N GLY D 16 -39.57 -13.68 -18.33
CA GLY D 16 -39.54 -15.13 -18.31
C GLY D 16 -38.80 -15.76 -19.46
N GLN D 17 -38.33 -14.97 -20.43
CA GLN D 17 -37.63 -15.50 -21.58
C GLN D 17 -36.12 -15.48 -21.34
N ARG D 18 -35.35 -15.84 -22.36
CA ARG D 18 -33.90 -15.85 -22.30
C ARG D 18 -33.35 -14.70 -23.12
N ALA D 19 -32.49 -13.89 -22.50
CA ALA D 19 -31.84 -12.77 -23.16
C ALA D 19 -30.35 -13.09 -23.30
N THR D 20 -29.86 -13.08 -24.53
CA THR D 20 -28.47 -13.43 -24.82
C THR D 20 -27.78 -12.21 -25.41
N ILE D 21 -26.72 -11.77 -24.75
CA ILE D 21 -25.89 -10.66 -25.22
C ILE D 21 -24.51 -11.22 -25.54
N SER D 22 -24.00 -10.92 -26.73
CA SER D 22 -22.77 -11.49 -27.24
C SER D 22 -21.71 -10.41 -27.36
N CYS D 23 -20.49 -10.73 -26.91
CA CYS D 23 -19.35 -9.83 -27.00
C CYS D 23 -18.22 -10.56 -27.72
N ARG D 24 -17.63 -9.89 -28.71
CA ARG D 24 -16.54 -10.44 -29.49
C ARG D 24 -15.33 -9.51 -29.39
N ALA D 25 -14.14 -10.09 -29.46
CA ALA D 25 -12.89 -9.38 -29.29
C ALA D 25 -12.08 -9.41 -30.57
N SER D 26 -11.20 -8.42 -30.72
CA SER D 26 -10.32 -8.38 -31.88
C SER D 26 -9.39 -9.59 -31.89
N LYS D 27 -8.80 -9.91 -30.75
CA LYS D 27 -7.94 -11.08 -30.62
C LYS D 27 -8.26 -11.79 -29.31
N SER D 28 -7.86 -13.05 -29.25
CA SER D 28 -8.24 -13.91 -28.14
C SER D 28 -7.85 -13.28 -26.80
N VAL D 29 -8.78 -13.31 -25.85
CA VAL D 29 -8.52 -12.87 -24.48
C VAL D 29 -8.23 -14.02 -23.55
N SER D 30 -8.23 -15.25 -24.04
CA SER D 30 -7.99 -16.44 -23.23
C SER D 30 -6.52 -16.82 -23.32
N THR D 31 -5.92 -17.08 -22.16
CA THR D 31 -4.52 -17.51 -22.09
C THR D 31 -4.24 -18.04 -20.70
N SER D 32 -3.42 -19.08 -20.62
CA SER D 32 -3.03 -19.70 -19.36
C SER D 32 -4.22 -20.30 -18.61
N GLY D 33 -5.35 -20.48 -19.30
CA GLY D 33 -6.52 -21.06 -18.68
C GLY D 33 -7.54 -20.08 -18.15
N TYR D 34 -7.36 -18.79 -18.39
CA TYR D 34 -8.26 -17.75 -17.91
C TYR D 34 -8.78 -16.95 -19.10
N SER D 35 -10.10 -16.76 -19.14
CA SER D 35 -10.75 -15.99 -20.21
C SER D 35 -11.14 -14.65 -19.62
N PHE D 36 -10.35 -13.62 -19.94
CA PHE D 36 -10.51 -12.30 -19.32
C PHE D 36 -11.61 -11.51 -20.03
N MET D 37 -12.84 -11.94 -19.80
CA MET D 37 -14.02 -11.21 -20.27
C MET D 37 -15.02 -11.13 -19.12
N HIS D 38 -15.35 -9.92 -18.71
CA HIS D 38 -16.16 -9.67 -17.53
C HIS D 38 -17.40 -8.88 -17.91
N TRP D 39 -18.51 -9.16 -17.22
CA TRP D 39 -19.81 -8.60 -17.53
C TRP D 39 -20.30 -7.76 -16.37
N TYR D 40 -20.79 -6.57 -16.68
CA TYR D 40 -21.28 -5.61 -15.71
C TYR D 40 -22.73 -5.27 -16.01
N GLN D 41 -23.35 -4.53 -15.10
CA GLN D 41 -24.73 -4.10 -15.24
C GLN D 41 -24.89 -2.74 -14.60
N GLN D 42 -25.35 -1.77 -15.38
CA GLN D 42 -25.56 -0.41 -14.90
C GLN D 42 -27.01 -0.03 -15.11
N LYS D 43 -27.66 0.38 -14.03
CA LYS D 43 -29.03 0.85 -14.08
C LYS D 43 -29.07 2.38 -14.01
N PRO D 44 -30.14 3.00 -14.49
CA PRO D 44 -30.16 4.48 -14.55
C PRO D 44 -29.82 5.13 -13.21
N GLY D 45 -28.69 5.84 -13.18
CA GLY D 45 -28.29 6.56 -11.99
C GLY D 45 -27.49 5.74 -10.99
N GLN D 46 -26.99 4.57 -11.38
CA GLN D 46 -26.22 3.72 -10.49
C GLN D 46 -24.90 3.34 -11.16
N PRO D 47 -23.84 3.14 -10.38
CA PRO D 47 -22.59 2.65 -10.95
C PRO D 47 -22.72 1.22 -11.41
N PRO D 48 -21.90 0.78 -12.38
CA PRO D 48 -22.01 -0.61 -12.84
C PRO D 48 -21.91 -1.62 -11.71
N LYS D 49 -22.29 -2.86 -11.98
CA LYS D 49 -22.32 -3.92 -10.97
C LYS D 49 -21.74 -5.17 -11.60
N LEU D 50 -20.52 -5.53 -11.20
CA LEU D 50 -19.91 -6.74 -11.74
C LEU D 50 -20.82 -7.93 -11.52
N LEU D 51 -21.30 -8.53 -12.61
CA LEU D 51 -22.04 -9.78 -12.53
C LEU D 51 -21.11 -10.98 -12.66
N ILE D 52 -20.40 -11.05 -13.79
CA ILE D 52 -19.57 -12.19 -14.13
C ILE D 52 -18.15 -11.71 -14.39
N TYR D 53 -17.16 -12.47 -13.94
CA TYR D 53 -15.77 -12.17 -14.19
C TYR D 53 -15.08 -13.42 -14.73
N LEU D 54 -14.05 -13.20 -15.54
CA LEU D 54 -13.29 -14.29 -16.15
C LEU D 54 -14.20 -15.20 -16.99
N ALA D 55 -15.30 -14.65 -17.48
CA ALA D 55 -16.12 -15.23 -18.54
C ALA D 55 -16.96 -16.42 -18.09
N SER D 56 -16.77 -16.92 -16.88
CA SER D 56 -17.57 -18.02 -16.39
C SER D 56 -17.83 -18.01 -14.90
N ASN D 57 -17.36 -16.99 -14.17
CA ASN D 57 -17.44 -16.96 -12.72
C ASN D 57 -18.48 -15.93 -12.29
N LEU D 58 -19.40 -16.36 -11.42
CA LEU D 58 -20.48 -15.51 -10.97
C LEU D 58 -20.06 -14.80 -9.68
N GLU D 59 -20.14 -13.47 -9.68
CA GLU D 59 -19.76 -12.70 -8.50
C GLU D 59 -20.76 -12.96 -7.37
N SER D 60 -20.24 -12.94 -6.14
CA SER D 60 -21.08 -13.19 -4.98
C SER D 60 -22.15 -12.12 -4.86
N GLY D 61 -23.37 -12.56 -4.54
CA GLY D 61 -24.50 -11.65 -4.47
C GLY D 61 -25.23 -11.44 -5.76
N VAL D 62 -25.05 -12.33 -6.74
CA VAL D 62 -25.68 -12.20 -8.05
C VAL D 62 -26.63 -13.38 -8.24
N PRO D 63 -27.84 -13.18 -8.75
CA PRO D 63 -28.75 -14.31 -8.96
C PRO D 63 -28.19 -15.31 -9.97
N ALA D 64 -28.55 -16.58 -9.77
CA ALA D 64 -28.03 -17.66 -10.60
C ALA D 64 -28.58 -17.63 -12.02
N ARG D 65 -29.57 -16.79 -12.30
CA ARG D 65 -30.09 -16.69 -13.66
C ARG D 65 -29.03 -16.19 -14.62
N PHE D 66 -28.24 -15.20 -14.20
CA PHE D 66 -27.14 -14.72 -15.03
C PHE D 66 -26.12 -15.83 -15.24
N SER D 67 -25.73 -16.04 -16.49
CA SER D 67 -24.80 -17.11 -16.84
C SER D 67 -23.77 -16.58 -17.83
N GLY D 68 -22.53 -17.01 -17.66
CA GLY D 68 -21.44 -16.59 -18.53
C GLY D 68 -20.80 -17.78 -19.20
N SER D 69 -20.38 -17.60 -20.44
CA SER D 69 -19.74 -18.65 -21.21
C SER D 69 -18.93 -18.01 -22.32
N GLY D 70 -18.04 -18.80 -22.91
CA GLY D 70 -17.22 -18.36 -24.02
C GLY D 70 -15.75 -18.65 -23.78
N SER D 71 -14.99 -18.42 -24.84
CA SER D 71 -13.55 -18.62 -24.82
C SER D 71 -12.95 -17.93 -26.03
N GLY D 72 -11.66 -17.60 -25.93
CA GLY D 72 -10.98 -16.98 -27.04
C GLY D 72 -11.62 -15.68 -27.45
N THR D 73 -12.31 -15.68 -28.60
CA THR D 73 -12.86 -14.47 -29.18
C THR D 73 -14.36 -14.31 -28.96
N ASP D 74 -15.10 -15.39 -28.75
CA ASP D 74 -16.56 -15.36 -28.69
C ASP D 74 -17.03 -15.54 -27.25
N PHE D 75 -17.81 -14.57 -26.76
CA PHE D 75 -18.36 -14.60 -25.42
C PHE D 75 -19.85 -14.30 -25.47
N ILE D 76 -20.58 -14.83 -24.49
CA ILE D 76 -22.03 -14.65 -24.41
C ILE D 76 -22.42 -14.45 -22.95
N LEU D 77 -23.41 -13.60 -22.72
CA LEU D 77 -24.06 -13.46 -21.44
C LEU D 77 -25.52 -13.85 -21.59
N ASN D 78 -26.00 -14.70 -20.70
CA ASN D 78 -27.37 -15.19 -20.73
C ASN D 78 -28.09 -14.77 -19.45
N ILE D 79 -29.34 -14.33 -19.61
CA ILE D 79 -30.23 -14.07 -18.49
C ILE D 79 -31.49 -14.89 -18.72
N HIS D 80 -31.76 -15.84 -17.83
CA HIS D 80 -32.93 -16.70 -17.98
C HIS D 80 -33.33 -17.27 -16.63
N PRO D 81 -34.58 -17.04 -16.16
CA PRO D 81 -35.62 -16.19 -16.76
C PRO D 81 -35.31 -14.70 -16.63
N VAL D 82 -35.84 -13.90 -17.55
CA VAL D 82 -35.63 -12.44 -17.52
C VAL D 82 -36.68 -11.82 -16.60
N GLU D 83 -36.21 -11.16 -15.54
CA GLU D 83 -37.07 -10.47 -14.60
C GLU D 83 -37.21 -9.00 -14.98
N GLU D 84 -38.21 -8.35 -14.41
CA GLU D 84 -38.42 -6.93 -14.68
C GLU D 84 -37.23 -6.09 -14.24
N GLU D 85 -36.56 -6.50 -13.16
CA GLU D 85 -35.42 -5.74 -12.66
C GLU D 85 -34.17 -5.89 -13.53
N ASP D 86 -34.21 -6.76 -14.54
CA ASP D 86 -33.05 -6.99 -15.38
C ASP D 86 -32.91 -5.94 -16.49
N ALA D 87 -33.86 -5.04 -16.63
CA ALA D 87 -33.78 -3.99 -17.65
C ALA D 87 -32.67 -3.03 -17.27
N ALA D 88 -31.58 -3.04 -18.02
CA ALA D 88 -30.42 -2.19 -17.77
C ALA D 88 -29.52 -2.25 -19.00
N THR D 89 -28.33 -1.69 -18.88
CA THR D 89 -27.32 -1.73 -19.93
C THR D 89 -26.18 -2.63 -19.46
N TYR D 90 -25.81 -3.60 -20.30
CA TYR D 90 -24.84 -4.62 -19.95
C TYR D 90 -23.56 -4.41 -20.76
N TYR D 91 -22.43 -4.35 -20.06
CA TYR D 91 -21.14 -4.06 -20.67
C TYR D 91 -20.22 -5.25 -20.53
N CYS D 92 -19.53 -5.59 -21.61
CA CYS D 92 -18.46 -6.58 -21.58
C CYS D 92 -17.12 -5.86 -21.55
N GLN D 93 -16.21 -6.35 -20.73
CA GLN D 93 -14.92 -5.72 -20.51
C GLN D 93 -13.82 -6.75 -20.62
N HIS D 94 -12.77 -6.40 -21.36
CA HIS D 94 -11.59 -7.23 -21.51
C HIS D 94 -10.50 -6.69 -20.60
N SER D 95 -9.85 -7.59 -19.86
CA SER D 95 -8.68 -7.24 -19.07
C SER D 95 -7.48 -8.09 -19.48
N ARG D 96 -7.47 -8.59 -20.72
CA ARG D 96 -6.36 -9.43 -21.17
C ARG D 96 -5.06 -8.65 -21.18
N GLU D 97 -5.09 -7.41 -21.66
CA GLU D 97 -3.92 -6.57 -21.74
C GLU D 97 -4.34 -5.15 -21.44
N LEU D 98 -3.38 -4.23 -21.48
CA LEU D 98 -3.66 -2.83 -21.24
C LEU D 98 -3.66 -2.05 -22.55
N PRO D 99 -4.50 -1.01 -22.68
CA PRO D 99 -5.48 -0.53 -21.71
C PRO D 99 -6.76 -1.36 -21.67
N LEU D 100 -7.36 -1.51 -20.49
CA LEU D 100 -8.63 -2.19 -20.41
C LEU D 100 -9.69 -1.38 -21.14
N THR D 101 -10.65 -2.08 -21.75
CA THR D 101 -11.71 -1.42 -22.51
C THR D 101 -13.03 -2.12 -22.24
N PHE D 102 -14.11 -1.37 -22.45
CA PHE D 102 -15.47 -1.83 -22.28
C PHE D 102 -16.13 -2.06 -23.63
N GLY D 103 -17.25 -2.76 -23.61
CA GLY D 103 -18.12 -2.84 -24.77
C GLY D 103 -19.00 -1.61 -24.88
N ALA D 104 -19.65 -1.49 -26.04
CA ALA D 104 -20.53 -0.35 -26.26
C ALA D 104 -21.82 -0.44 -25.48
N GLY D 105 -22.11 -1.57 -24.84
CA GLY D 105 -23.32 -1.73 -24.07
C GLY D 105 -24.47 -2.28 -24.89
N THR D 106 -25.43 -2.87 -24.18
CA THR D 106 -26.62 -3.47 -24.80
C THR D 106 -27.82 -3.16 -23.93
N LYS D 107 -28.54 -2.09 -24.26
CA LYS D 107 -29.70 -1.67 -23.48
C LYS D 107 -30.78 -2.75 -23.55
N LEU D 108 -31.11 -3.35 -22.42
CA LEU D 108 -32.16 -4.35 -22.35
C LEU D 108 -33.51 -3.69 -22.17
N GLU D 109 -34.54 -4.31 -22.76
CA GLU D 109 -35.90 -3.82 -22.71
C GLU D 109 -36.83 -4.97 -22.37
N LEU D 110 -37.94 -4.65 -21.71
CA LEU D 110 -38.93 -5.64 -21.29
C LEU D 110 -40.17 -5.51 -22.17
N LYS D 111 -40.63 -6.64 -22.69
CA LYS D 111 -41.89 -6.69 -23.44
C LYS D 111 -43.04 -6.95 -22.47
N ARG D 112 -44.07 -6.11 -22.54
CA ARG D 112 -45.22 -6.23 -21.66
C ARG D 112 -46.47 -5.88 -22.44
N ALA D 113 -47.63 -6.20 -21.85
CA ALA D 113 -48.90 -5.87 -22.48
C ALA D 113 -49.06 -4.36 -22.54
N ASP D 114 -49.54 -3.88 -23.69
CA ASP D 114 -49.66 -2.44 -23.90
C ASP D 114 -50.65 -1.82 -22.93
N ALA D 115 -50.33 -0.63 -22.45
CA ALA D 115 -51.21 0.16 -21.60
C ALA D 115 -51.21 1.59 -22.11
N ALA D 116 -52.38 2.24 -22.05
CA ALA D 116 -52.48 3.61 -22.50
C ALA D 116 -52.06 4.57 -21.40
N PRO D 117 -51.53 5.74 -21.76
CA PRO D 117 -51.12 6.70 -20.73
C PRO D 117 -52.29 7.25 -19.95
N THR D 118 -52.02 7.57 -18.68
CA THR D 118 -53.01 8.20 -17.80
C THR D 118 -52.74 9.69 -17.83
N VAL D 119 -53.43 10.38 -18.76
CA VAL D 119 -53.13 11.78 -19.02
C VAL D 119 -53.53 12.64 -17.82
N SER D 120 -52.80 13.75 -17.64
CA SER D 120 -53.12 14.74 -16.64
C SER D 120 -52.68 16.11 -17.16
N ILE D 121 -53.53 17.11 -16.97
CA ILE D 121 -53.28 18.47 -17.42
C ILE D 121 -53.20 19.38 -16.20
N PHE D 122 -52.12 20.16 -16.12
CA PHE D 122 -51.85 21.00 -14.95
C PHE D 122 -51.73 22.46 -15.38
N PRO D 123 -52.79 23.25 -15.30
CA PRO D 123 -52.65 24.67 -15.60
C PRO D 123 -51.71 25.33 -14.62
N PRO D 124 -51.02 26.40 -15.04
CA PRO D 124 -49.95 26.96 -14.19
C PRO D 124 -50.47 27.38 -12.83
N SER D 125 -49.62 27.21 -11.82
CA SER D 125 -49.98 27.54 -10.45
C SER D 125 -49.84 29.05 -10.22
N SER D 126 -50.24 29.48 -9.03
CA SER D 126 -50.17 30.89 -8.69
C SER D 126 -48.74 31.38 -8.64
N GLU D 127 -47.83 30.58 -8.07
CA GLU D 127 -46.45 31.02 -7.90
C GLU D 127 -45.77 31.28 -9.24
N GLN D 128 -46.20 30.63 -10.31
CA GLN D 128 -45.51 30.75 -11.59
C GLN D 128 -45.67 32.15 -12.16
N LEU D 129 -46.88 32.69 -12.16
CA LEU D 129 -47.15 33.96 -12.83
C LEU D 129 -46.58 35.16 -12.10
N THR D 130 -46.09 34.98 -10.86
CA THR D 130 -45.48 36.10 -10.16
C THR D 130 -44.17 36.55 -10.79
N SER D 131 -43.62 35.79 -11.73
CA SER D 131 -42.39 36.15 -12.43
C SER D 131 -42.61 36.50 -13.89
N GLY D 132 -43.80 36.24 -14.45
CA GLY D 132 -44.11 36.57 -15.81
C GLY D 132 -43.94 35.44 -16.80
N GLY D 133 -43.55 34.25 -16.35
CA GLY D 133 -43.36 33.11 -17.22
C GLY D 133 -44.54 32.17 -17.16
N ALA D 134 -44.80 31.49 -18.29
CA ALA D 134 -45.91 30.56 -18.42
C ALA D 134 -45.39 29.21 -18.88
N SER D 135 -46.01 28.14 -18.36
CA SER D 135 -45.61 26.79 -18.74
C SER D 135 -46.73 25.83 -18.34
N VAL D 136 -47.25 25.08 -19.32
CA VAL D 136 -48.27 24.07 -19.09
C VAL D 136 -47.59 22.70 -19.18
N VAL D 137 -47.85 21.86 -18.18
CA VAL D 137 -47.22 20.55 -18.08
C VAL D 137 -48.30 19.49 -18.15
N CYS D 138 -48.09 18.50 -19.01
CA CYS D 138 -48.97 17.35 -19.15
C CYS D 138 -48.21 16.09 -18.78
N PHE D 139 -48.80 15.27 -17.92
CA PHE D 139 -48.15 14.07 -17.39
C PHE D 139 -48.79 12.83 -17.99
N LEU D 140 -48.00 12.05 -18.71
CA LEU D 140 -48.40 10.75 -19.22
C LEU D 140 -47.74 9.67 -18.38
N ASN D 141 -48.55 8.74 -17.85
CA ASN D 141 -48.08 7.79 -16.87
C ASN D 141 -48.47 6.37 -17.28
N ASN D 142 -47.55 5.43 -17.04
CA ASN D 142 -47.83 4.00 -17.17
C ASN D 142 -48.41 3.67 -18.55
N PHE D 143 -47.58 3.86 -19.57
CA PHE D 143 -47.93 3.49 -20.92
C PHE D 143 -46.81 2.68 -21.55
N TYR D 144 -47.18 1.89 -22.56
CA TYR D 144 -46.25 1.03 -23.29
C TYR D 144 -46.80 0.89 -24.70
N PRO D 145 -45.96 1.00 -25.74
CA PRO D 145 -44.51 1.28 -25.73
C PRO D 145 -44.19 2.75 -25.51
N LYS D 146 -42.90 3.09 -25.56
CA LYS D 146 -42.44 4.45 -25.29
C LYS D 146 -42.54 5.37 -26.51
N ASP D 147 -42.93 4.84 -27.67
CA ASP D 147 -43.05 5.66 -28.88
C ASP D 147 -44.44 6.30 -28.89
N ILE D 148 -44.57 7.37 -28.11
CA ILE D 148 -45.84 8.08 -27.95
C ILE D 148 -45.62 9.55 -28.27
N ASN D 149 -46.69 10.20 -28.76
CA ASN D 149 -46.65 11.59 -29.15
C ASN D 149 -47.86 12.31 -28.58
N VAL D 150 -47.73 13.64 -28.44
CA VAL D 150 -48.80 14.48 -27.90
C VAL D 150 -48.82 15.80 -28.65
N LYS D 151 -49.92 16.53 -28.48
CA LYS D 151 -50.08 17.84 -29.08
C LYS D 151 -50.96 18.68 -28.17
N TRP D 152 -50.87 20.00 -28.33
CA TRP D 152 -51.50 20.95 -27.43
C TRP D 152 -52.67 21.64 -28.11
N LYS D 153 -53.68 21.97 -27.31
CA LYS D 153 -54.93 22.57 -27.76
C LYS D 153 -55.29 23.76 -26.88
N ILE D 154 -54.33 24.64 -26.62
CA ILE D 154 -54.59 25.80 -25.79
C ILE D 154 -55.76 26.58 -26.38
N ASP D 155 -56.80 26.80 -25.58
CA ASP D 155 -58.03 27.42 -26.03
C ASP D 155 -58.71 26.62 -27.14
N GLY D 156 -58.38 25.33 -27.24
CA GLY D 156 -58.90 24.49 -28.30
C GLY D 156 -58.20 24.63 -29.63
N SER D 157 -57.15 25.45 -29.71
CA SER D 157 -56.43 25.69 -30.95
C SER D 157 -55.05 25.04 -30.88
N GLU D 158 -54.66 24.40 -31.98
CA GLU D 158 -53.38 23.71 -32.03
C GLU D 158 -52.23 24.70 -31.88
N ARG D 159 -51.15 24.26 -31.23
CA ARG D 159 -49.97 25.09 -31.04
C ARG D 159 -48.77 24.18 -30.82
N GLN D 160 -47.68 24.43 -31.54
CA GLN D 160 -46.45 23.69 -31.38
C GLN D 160 -45.33 24.54 -30.82
N ASN D 161 -44.99 25.65 -31.48
CA ASN D 161 -44.00 26.60 -31.01
C ASN D 161 -42.88 25.91 -30.24
N GLY D 162 -42.69 26.26 -28.97
CA GLY D 162 -41.71 25.60 -28.13
C GLY D 162 -42.32 24.43 -27.37
N VAL D 163 -41.93 23.21 -27.74
CA VAL D 163 -42.45 21.99 -27.12
C VAL D 163 -41.28 21.19 -26.59
N LEU D 164 -41.40 20.73 -25.35
CA LEU D 164 -40.32 20.03 -24.65
C LEU D 164 -40.89 18.75 -24.04
N ASN D 165 -40.31 17.61 -24.41
CA ASN D 165 -40.75 16.31 -23.93
C ASN D 165 -39.62 15.60 -23.19
N SER D 166 -39.97 14.85 -22.16
CA SER D 166 -39.00 14.13 -21.36
C SER D 166 -39.59 12.78 -20.96
N TRP D 167 -38.84 11.71 -21.20
CA TRP D 167 -39.27 10.36 -20.90
C TRP D 167 -38.43 9.78 -19.76
N THR D 168 -39.06 8.91 -18.98
CA THR D 168 -38.37 8.16 -17.94
C THR D 168 -37.78 6.88 -18.57
N ASP D 169 -37.29 5.98 -17.74
CA ASP D 169 -36.81 4.68 -18.18
C ASP D 169 -37.78 3.60 -17.70
N GLN D 170 -37.65 2.42 -18.28
CA GLN D 170 -38.51 1.30 -17.92
C GLN D 170 -38.50 1.07 -16.42
N ASP D 171 -39.66 1.20 -15.81
CA ASP D 171 -39.78 0.98 -14.37
C ASP D 171 -39.48 -0.46 -14.03
N SER D 172 -38.74 -0.66 -12.94
CA SER D 172 -38.40 -2.01 -12.50
C SER D 172 -39.54 -2.70 -11.77
N LYS D 173 -40.63 -2.01 -11.50
CA LYS D 173 -41.78 -2.58 -10.79
C LYS D 173 -42.94 -2.93 -11.70
N ASP D 174 -43.08 -2.25 -12.84
CA ASP D 174 -44.15 -2.55 -13.78
C ASP D 174 -43.71 -2.57 -15.24
N SER D 175 -42.44 -2.30 -15.53
CA SER D 175 -41.89 -2.34 -16.89
C SER D 175 -42.59 -1.34 -17.81
N THR D 176 -43.30 -0.36 -17.26
CA THR D 176 -44.01 0.63 -18.05
C THR D 176 -43.12 1.87 -18.22
N TYR D 177 -43.67 2.86 -18.92
CA TYR D 177 -42.97 4.11 -19.21
C TYR D 177 -43.77 5.28 -18.68
N SER D 178 -43.17 6.46 -18.77
CA SER D 178 -43.83 7.71 -18.39
C SER D 178 -43.26 8.83 -19.22
N MET D 179 -44.02 9.92 -19.32
CA MET D 179 -43.63 11.04 -20.16
C MET D 179 -44.20 12.33 -19.58
N SER D 180 -43.57 13.45 -19.94
CA SER D 180 -44.04 14.77 -19.54
C SER D 180 -43.87 15.73 -20.71
N SER D 181 -44.96 16.39 -21.10
CA SER D 181 -44.96 17.32 -22.21
C SER D 181 -45.17 18.74 -21.69
N THR D 182 -44.26 19.64 -22.05
CA THR D 182 -44.33 21.02 -21.59
C THR D 182 -43.47 21.92 -22.46
N ASP E 1 -17.74 -4.93 8.21
CA ASP E 1 -17.04 -3.77 7.60
C ASP E 1 -17.12 -3.85 6.08
N GLN E 2 -18.31 -3.60 5.55
CA GLN E 2 -18.50 -3.61 4.10
C GLN E 2 -17.60 -2.56 3.45
N VAL E 3 -17.04 -2.92 2.29
CA VAL E 3 -16.15 -2.02 1.57
C VAL E 3 -16.94 -0.86 1.00
N GLN E 4 -16.32 0.32 0.99
CA GLN E 4 -16.97 1.52 0.48
C GLN E 4 -15.93 2.40 -0.20
N LEU E 5 -16.32 2.97 -1.35
CA LEU E 5 -15.55 4.00 -2.03
C LEU E 5 -16.43 5.24 -2.13
N GLN E 6 -16.00 6.32 -1.48
CA GLN E 6 -16.81 7.53 -1.36
C GLN E 6 -16.13 8.66 -2.12
N GLN E 7 -16.75 9.09 -3.21
CA GLN E 7 -16.23 10.16 -4.03
C GLN E 7 -16.77 11.52 -3.56
N SER E 8 -16.11 12.58 -4.01
CA SER E 8 -16.56 13.92 -3.70
C SER E 8 -17.86 14.22 -4.45
N GLY E 9 -18.39 15.43 -4.25
CA GLY E 9 -19.63 15.83 -4.84
C GLY E 9 -19.48 16.40 -6.24
N PRO E 10 -20.59 16.81 -6.84
CA PRO E 10 -20.53 17.39 -8.19
C PRO E 10 -19.69 18.65 -8.21
N GLU E 11 -19.04 18.89 -9.35
CA GLU E 11 -18.16 20.04 -9.55
C GLU E 11 -18.63 20.82 -10.76
N LEU E 12 -18.92 22.11 -10.56
CA LEU E 12 -19.17 23.05 -11.65
C LEU E 12 -17.91 23.90 -11.78
N VAL E 13 -17.20 23.73 -12.89
CA VAL E 13 -15.91 24.38 -13.09
C VAL E 13 -15.88 25.02 -14.48
N LYS E 14 -15.08 26.07 -14.60
CA LYS E 14 -14.97 26.81 -15.84
C LYS E 14 -14.06 26.07 -16.83
N PRO E 15 -14.25 26.30 -18.13
CA PRO E 15 -13.34 25.68 -19.10
C PRO E 15 -11.90 26.15 -18.90
N GLY E 16 -10.96 25.23 -19.13
CA GLY E 16 -9.55 25.53 -19.03
C GLY E 16 -8.95 25.30 -17.66
N THR E 17 -9.77 25.22 -16.62
CA THR E 17 -9.27 25.00 -15.27
C THR E 17 -9.03 23.52 -15.04
N SER E 18 -8.82 23.13 -13.79
CA SER E 18 -8.65 21.74 -13.41
C SER E 18 -9.49 21.44 -12.19
N VAL E 19 -9.86 20.16 -12.05
CA VAL E 19 -10.67 19.70 -10.92
C VAL E 19 -10.06 18.40 -10.41
N LYS E 20 -9.98 18.26 -9.09
CA LYS E 20 -9.39 17.10 -8.44
C LYS E 20 -10.52 16.26 -7.84
N ILE E 21 -10.76 15.10 -8.43
CA ILE E 21 -11.80 14.19 -7.96
C ILE E 21 -11.18 13.23 -6.95
N SER E 22 -11.75 13.18 -5.76
CA SER E 22 -11.27 12.33 -4.68
C SER E 22 -12.17 11.12 -4.52
N CYS E 23 -11.64 10.07 -3.87
CA CYS E 23 -12.40 8.86 -3.63
C CYS E 23 -11.78 8.15 -2.42
N LYS E 24 -12.42 8.30 -1.26
CA LYS E 24 -11.91 7.70 -0.03
C LYS E 24 -12.32 6.23 0.03
N ALA E 25 -11.34 5.37 0.28
CA ALA E 25 -11.54 3.93 0.30
C ALA E 25 -11.49 3.43 1.74
N SER E 26 -12.50 2.65 2.13
CA SER E 26 -12.59 2.12 3.48
C SER E 26 -13.15 0.71 3.43
N GLY E 27 -12.89 -0.05 4.48
CA GLY E 27 -13.40 -1.40 4.62
C GLY E 27 -12.49 -2.49 4.13
N TYR E 28 -11.28 -2.18 3.69
CA TYR E 28 -10.35 -3.17 3.19
C TYR E 28 -8.93 -2.63 3.32
N THR E 29 -7.96 -3.53 3.21
CA THR E 29 -6.56 -3.14 3.20
C THR E 29 -6.27 -2.34 1.94
N PHE E 30 -6.02 -1.05 2.09
CA PHE E 30 -5.96 -0.14 0.95
C PHE E 30 -4.90 -0.58 -0.05
N THR E 31 -3.67 -0.80 0.42
CA THR E 31 -2.54 -0.97 -0.48
C THR E 31 -2.59 -2.27 -1.28
N ASP E 32 -3.50 -3.18 -0.97
CA ASP E 32 -3.50 -4.49 -1.60
C ASP E 32 -4.34 -4.56 -2.88
N TYR E 33 -5.12 -3.52 -3.18
CA TYR E 33 -6.00 -3.51 -4.34
C TYR E 33 -5.72 -2.27 -5.18
N TYR E 34 -5.74 -2.44 -6.50
CA TYR E 34 -5.65 -1.29 -7.38
C TYR E 34 -6.96 -0.53 -7.37
N ILE E 35 -6.88 0.78 -7.63
CA ILE E 35 -8.06 1.63 -7.70
C ILE E 35 -8.11 2.24 -9.09
N ASN E 36 -9.15 1.89 -9.84
CA ASN E 36 -9.32 2.32 -11.22
C ASN E 36 -10.25 3.52 -11.30
N TRP E 37 -10.13 4.24 -12.41
CA TRP E 37 -10.98 5.40 -12.69
C TRP E 37 -11.61 5.21 -14.06
N VAL E 38 -12.91 5.44 -14.14
CA VAL E 38 -13.69 5.18 -15.35
C VAL E 38 -14.61 6.38 -15.59
N LYS E 39 -14.71 6.80 -16.85
CA LYS E 39 -15.54 7.92 -17.26
C LYS E 39 -16.74 7.42 -18.04
N GLN E 40 -17.82 8.20 -18.01
CA GLN E 40 -19.05 7.84 -18.73
C GLN E 40 -19.82 9.12 -19.03
N ARG E 41 -19.73 9.59 -20.27
CA ARG E 41 -20.53 10.73 -20.69
C ARG E 41 -22.01 10.35 -20.68
N PRO E 42 -22.91 11.33 -20.50
CA PRO E 42 -24.34 10.99 -20.38
C PRO E 42 -24.83 10.09 -21.50
N GLY E 43 -25.19 8.86 -21.15
CA GLY E 43 -25.70 7.90 -22.11
C GLY E 43 -24.71 7.59 -23.22
N GLN E 44 -23.45 7.35 -22.87
CA GLN E 44 -22.41 7.16 -23.89
C GLN E 44 -21.45 6.00 -23.57
N GLY E 45 -21.77 5.15 -22.62
CA GLY E 45 -20.91 4.02 -22.31
C GLY E 45 -19.75 4.40 -21.43
N LEU E 46 -19.08 3.37 -20.92
CA LEU E 46 -18.00 3.55 -19.95
C LEU E 46 -16.66 3.71 -20.67
N GLU E 47 -15.74 4.41 -20.01
CA GLU E 47 -14.41 4.68 -20.57
C GLU E 47 -13.38 4.58 -19.47
N TRP E 48 -12.39 3.71 -19.68
CA TRP E 48 -11.35 3.46 -18.67
C TRP E 48 -10.30 4.56 -18.76
N ILE E 49 -10.17 5.35 -17.70
CA ILE E 49 -9.14 6.38 -17.65
C ILE E 49 -7.79 5.75 -17.34
N GLY E 50 -7.68 5.12 -16.19
CA GLY E 50 -6.43 4.50 -15.77
C GLY E 50 -6.58 3.98 -14.36
N TRP E 51 -5.50 3.40 -13.87
CA TRP E 51 -5.44 2.92 -12.49
C TRP E 51 -4.18 3.46 -11.82
N ILE E 52 -4.10 3.22 -10.51
CA ILE E 52 -2.94 3.61 -9.71
C ILE E 52 -2.79 2.59 -8.60
N PHE E 53 -1.58 2.09 -8.40
CA PHE E 53 -1.35 1.14 -7.33
C PHE E 53 -1.11 1.92 -6.03
N PRO E 54 -2.01 1.82 -5.04
CA PRO E 54 -1.74 2.51 -3.77
C PRO E 54 -0.45 2.07 -3.10
N GLY E 55 -0.11 0.78 -3.19
CA GLY E 55 1.08 0.29 -2.50
C GLY E 55 2.36 0.94 -3.02
N SER E 56 2.48 1.06 -4.34
CA SER E 56 3.67 1.63 -4.96
C SER E 56 3.42 3.00 -5.58
N GLY E 57 2.24 3.23 -6.14
CA GLY E 57 1.93 4.48 -6.79
C GLY E 57 2.06 4.45 -8.30
N SER E 58 2.35 3.30 -8.89
CA SER E 58 2.45 3.21 -10.34
C SER E 58 1.09 3.46 -10.98
N SER E 59 1.04 4.36 -11.94
CA SER E 59 -0.20 4.74 -12.61
C SER E 59 -0.11 4.43 -14.09
N TYR E 60 -1.15 3.80 -14.62
CA TYR E 60 -1.30 3.60 -16.06
C TYR E 60 -2.41 4.51 -16.54
N TYR E 61 -2.12 5.35 -17.52
CA TYR E 61 -3.09 6.25 -18.12
C TYR E 61 -3.37 5.77 -19.54
N ASN E 62 -4.64 5.52 -19.84
CA ASN E 62 -5.02 5.22 -21.21
C ASN E 62 -4.55 6.35 -22.11
N ALA E 63 -4.04 5.99 -23.29
CA ALA E 63 -3.38 6.99 -24.13
C ALA E 63 -4.28 8.17 -24.40
N ILE E 64 -5.60 7.97 -24.37
CA ILE E 64 -6.53 9.07 -24.59
C ILE E 64 -6.37 10.11 -23.48
N PHE E 65 -6.26 9.66 -22.24
CA PHE E 65 -6.26 10.55 -21.08
C PHE E 65 -4.87 10.88 -20.58
N LYS E 66 -3.82 10.34 -21.20
CA LYS E 66 -2.47 10.72 -20.82
C LYS E 66 -2.23 12.19 -21.18
N GLY E 67 -1.77 12.96 -20.21
CA GLY E 67 -1.67 14.39 -20.38
C GLY E 67 -2.94 15.15 -20.09
N LYS E 68 -3.99 14.47 -19.65
CA LYS E 68 -5.23 15.12 -19.24
C LYS E 68 -5.64 14.74 -17.83
N ALA E 69 -5.47 13.49 -17.43
CA ALA E 69 -5.82 13.02 -16.10
C ALA E 69 -4.58 12.47 -15.42
N THR E 70 -4.30 12.98 -14.22
CA THR E 70 -3.17 12.54 -13.41
C THR E 70 -3.70 11.89 -12.15
N LEU E 71 -3.23 10.67 -11.87
CA LEU E 71 -3.71 9.87 -10.76
C LEU E 71 -2.69 9.93 -9.61
N THR E 72 -3.18 10.15 -8.41
CA THR E 72 -2.34 10.19 -7.22
C THR E 72 -3.11 9.61 -6.05
N VAL E 73 -2.37 9.16 -5.03
CA VAL E 73 -2.95 8.46 -3.90
C VAL E 73 -2.52 9.15 -2.61
N ASP E 74 -3.33 8.96 -1.56
CA ASP E 74 -3.04 9.42 -0.22
C ASP E 74 -3.10 8.19 0.68
N THR E 75 -1.98 7.48 0.79
CA THR E 75 -1.98 6.21 1.52
C THR E 75 -2.25 6.42 3.01
N SER E 76 -1.85 7.57 3.56
CA SER E 76 -2.03 7.79 4.99
C SER E 76 -3.50 7.78 5.38
N SER E 77 -4.35 8.46 4.60
CA SER E 77 -5.77 8.55 4.90
C SER E 77 -6.61 7.57 4.10
N ASN E 78 -5.99 6.72 3.28
CA ASN E 78 -6.71 5.78 2.42
C ASN E 78 -7.67 6.51 1.49
N THR E 79 -7.09 7.34 0.62
CA THR E 79 -7.85 8.13 -0.34
C THR E 79 -7.12 8.14 -1.67
N ALA E 80 -7.89 8.22 -2.76
CA ALA E 80 -7.35 8.26 -4.10
C ALA E 80 -7.89 9.47 -4.83
N HIS E 81 -7.02 10.16 -5.57
CA HIS E 81 -7.37 11.40 -6.25
C HIS E 81 -7.12 11.26 -7.75
N MET E 82 -7.97 11.95 -8.53
CA MET E 82 -7.78 12.08 -9.96
C MET E 82 -7.93 13.55 -10.33
N SER E 83 -6.97 14.07 -11.08
CA SER E 83 -6.91 15.48 -11.43
C SER E 83 -7.04 15.61 -12.95
N LEU E 84 -8.06 16.33 -13.41
CA LEU E 84 -8.27 16.57 -14.82
C LEU E 84 -7.78 17.96 -15.17
N SER E 85 -7.03 18.07 -16.26
CA SER E 85 -6.36 19.30 -16.64
C SER E 85 -6.92 19.84 -17.94
N SER E 86 -6.96 21.16 -18.05
CA SER E 86 -7.46 21.84 -19.26
C SER E 86 -8.87 21.38 -19.59
N LEU E 87 -9.76 21.48 -18.60
CA LEU E 87 -11.12 21.01 -18.77
C LEU E 87 -11.81 21.76 -19.90
N THR E 88 -12.47 21.00 -20.78
CA THR E 88 -13.26 21.54 -21.87
C THR E 88 -14.69 21.04 -21.73
N SER E 89 -15.55 21.43 -22.68
CA SER E 89 -16.94 20.99 -22.63
C SER E 89 -17.03 19.47 -22.69
N ASP E 90 -16.13 18.84 -23.46
CA ASP E 90 -16.17 17.38 -23.57
C ASP E 90 -15.81 16.71 -22.25
N ASP E 91 -15.01 17.38 -21.41
CA ASP E 91 -14.57 16.77 -20.17
C ASP E 91 -15.71 16.47 -19.22
N SER E 92 -16.87 17.10 -19.40
CA SER E 92 -18.00 16.89 -18.50
C SER E 92 -18.53 15.48 -18.65
N ALA E 93 -18.55 14.73 -17.55
CA ALA E 93 -19.06 13.36 -17.53
C ALA E 93 -19.12 12.93 -16.07
N VAL E 94 -19.49 11.67 -15.86
CA VAL E 94 -19.50 11.06 -14.53
C VAL E 94 -18.27 10.17 -14.42
N TYR E 95 -17.48 10.38 -13.37
CA TYR E 95 -16.24 9.67 -13.17
C TYR E 95 -16.40 8.73 -11.98
N PHE E 96 -16.13 7.44 -12.19
CA PHE E 96 -16.28 6.42 -11.18
C PHE E 96 -14.91 5.96 -10.70
N CYS E 97 -14.73 5.88 -9.39
CA CYS E 97 -13.58 5.23 -8.79
C CYS E 97 -13.99 3.81 -8.43
N ALA E 98 -13.17 2.84 -8.85
CA ALA E 98 -13.47 1.44 -8.63
C ALA E 98 -12.25 0.75 -8.07
N ARG E 99 -12.46 -0.40 -7.45
CA ARG E 99 -11.40 -1.18 -6.84
C ARG E 99 -11.31 -2.53 -7.55
N GLY E 100 -10.16 -2.81 -8.16
CA GLY E 100 -9.97 -4.05 -8.84
C GLY E 100 -9.94 -5.23 -7.89
N ASP E 101 -9.62 -6.39 -8.44
CA ASP E 101 -9.54 -7.61 -7.66
C ASP E 101 -8.37 -7.54 -6.69
N PHE E 102 -8.16 -8.64 -5.96
CA PHE E 102 -7.19 -8.65 -4.87
C PHE E 102 -5.80 -8.26 -5.34
N GLY E 103 -5.17 -9.08 -6.16
CA GLY E 103 -3.86 -8.74 -6.68
C GLY E 103 -3.88 -7.94 -7.95
N ASN E 104 -5.05 -7.42 -8.33
CA ASN E 104 -5.27 -6.93 -9.68
C ASN E 104 -4.89 -8.00 -10.69
N PHE E 105 -5.22 -9.25 -10.37
CA PHE E 105 -4.97 -10.35 -11.27
C PHE E 105 -5.96 -10.35 -12.43
N GLY E 106 -7.25 -10.45 -12.11
CA GLY E 106 -8.26 -10.48 -13.15
C GLY E 106 -8.52 -9.14 -13.80
N GLY E 107 -8.15 -8.05 -13.16
CA GLY E 107 -8.37 -6.73 -13.73
C GLY E 107 -9.83 -6.37 -13.90
N PHE E 108 -10.68 -6.81 -12.99
CA PHE E 108 -12.10 -6.49 -13.00
C PHE E 108 -12.46 -5.72 -11.74
N PHE E 109 -13.43 -4.83 -11.86
CA PHE E 109 -13.80 -3.92 -10.79
C PHE E 109 -15.05 -4.46 -10.10
N THR E 110 -14.89 -4.89 -8.85
CA THR E 110 -16.00 -5.45 -8.09
C THR E 110 -16.74 -4.41 -7.27
N TYR E 111 -16.05 -3.37 -6.79
CA TYR E 111 -16.66 -2.29 -6.05
C TYR E 111 -16.44 -0.99 -6.81
N TRP E 112 -17.48 -0.15 -6.86
CA TRP E 112 -17.44 1.12 -7.55
C TRP E 112 -17.85 2.23 -6.60
N GLY E 113 -17.56 3.47 -7.01
CA GLY E 113 -18.06 4.63 -6.30
C GLY E 113 -19.41 5.07 -6.82
N GLN E 114 -19.97 6.08 -6.16
CA GLN E 114 -21.27 6.61 -6.54
C GLN E 114 -21.23 7.45 -7.81
N GLY E 115 -20.05 7.81 -8.28
CA GLY E 115 -19.94 8.73 -9.41
C GLY E 115 -19.82 10.16 -8.96
N THR E 116 -19.20 10.98 -9.82
CA THR E 116 -19.01 12.41 -9.54
C THR E 116 -19.28 13.16 -10.83
N LEU E 117 -20.41 13.85 -10.89
CA LEU E 117 -20.84 14.55 -12.09
C LEU E 117 -20.05 15.83 -12.22
N VAL E 118 -19.37 15.99 -13.36
CA VAL E 118 -18.53 17.15 -13.64
C VAL E 118 -19.18 17.95 -14.75
N THR E 119 -19.51 19.21 -14.47
CA THR E 119 -20.06 20.13 -15.47
C THR E 119 -19.01 21.17 -15.80
N VAL E 120 -18.75 21.36 -17.09
CA VAL E 120 -17.70 22.28 -17.54
C VAL E 120 -18.31 23.30 -18.48
N SER E 121 -18.68 24.46 -17.94
CA SER E 121 -19.24 25.55 -18.73
C SER E 121 -19.04 26.86 -17.97
N ALA E 122 -19.13 27.96 -18.71
CA ALA E 122 -18.96 29.30 -18.16
C ALA E 122 -20.26 29.95 -17.72
N ALA E 123 -21.38 29.22 -17.80
CA ALA E 123 -22.67 29.78 -17.42
C ALA E 123 -22.72 30.06 -15.92
N LYS E 124 -23.50 31.07 -15.56
CA LYS E 124 -23.63 31.47 -14.17
C LYS E 124 -24.67 30.61 -13.44
N THR E 125 -24.38 30.30 -12.19
CA THR E 125 -25.28 29.49 -11.39
C THR E 125 -26.60 30.22 -11.15
N THR E 126 -27.68 29.44 -11.07
CA THR E 126 -29.01 29.97 -10.83
C THR E 126 -29.70 29.13 -9.78
N ALA E 127 -30.79 29.67 -9.23
CA ALA E 127 -31.55 28.97 -8.21
C ALA E 127 -32.84 28.40 -8.78
N PRO E 128 -33.23 27.17 -8.43
CA PRO E 128 -34.49 26.64 -8.94
C PRO E 128 -35.68 27.43 -8.41
N SER E 129 -36.73 27.49 -9.22
CA SER E 129 -37.98 28.12 -8.86
C SER E 129 -39.06 27.04 -8.87
N VAL E 130 -39.43 26.56 -7.68
CA VAL E 130 -40.34 25.44 -7.53
C VAL E 130 -41.77 25.97 -7.47
N TYR E 131 -42.61 25.48 -8.36
CA TYR E 131 -44.02 25.86 -8.42
C TYR E 131 -44.88 24.64 -8.13
N PRO E 132 -45.41 24.50 -6.91
CA PRO E 132 -46.23 23.32 -6.61
C PRO E 132 -47.42 23.21 -7.55
N LEU E 133 -47.73 21.98 -7.95
CA LEU E 133 -48.79 21.69 -8.90
C LEU E 133 -49.91 20.91 -8.22
N ALA E 134 -51.15 21.36 -8.43
CA ALA E 134 -52.33 20.70 -7.89
C ALA E 134 -53.35 20.50 -8.99
N PRO E 135 -54.21 19.48 -8.87
CA PRO E 135 -55.16 19.19 -9.94
C PRO E 135 -56.28 20.22 -10.00
N VAL E 136 -57.05 20.13 -11.08
CA VAL E 136 -58.22 20.98 -11.28
C VAL E 136 -59.40 20.38 -10.54
N CYS E 137 -60.47 21.16 -10.37
CA CYS E 137 -61.70 20.68 -9.75
C CYS E 137 -62.67 20.07 -10.75
N GLY E 138 -62.48 20.32 -12.04
CA GLY E 138 -63.36 19.81 -13.07
C GLY E 138 -62.96 18.47 -13.66
N GLY E 139 -61.95 17.81 -13.10
CA GLY E 139 -61.50 16.53 -13.63
C GLY E 139 -61.22 15.52 -12.53
N THR E 140 -61.99 15.57 -11.45
CA THR E 140 -61.78 14.69 -10.30
C THR E 140 -62.62 13.41 -10.42
N THR E 141 -62.50 12.71 -11.55
CA THR E 141 -63.21 11.47 -11.75
C THR E 141 -62.54 10.35 -10.96
N GLY E 142 -63.34 9.61 -10.19
CA GLY E 142 -62.78 8.54 -9.39
C GLY E 142 -61.88 9.08 -8.29
N SER E 143 -61.02 8.19 -7.78
CA SER E 143 -60.01 8.56 -6.78
C SER E 143 -58.66 8.05 -7.28
N SER E 144 -58.00 8.86 -8.10
CA SER E 144 -56.64 8.62 -8.56
C SER E 144 -55.90 9.95 -8.70
N VAL E 145 -56.10 10.85 -7.73
CA VAL E 145 -55.60 12.21 -7.86
C VAL E 145 -54.09 12.19 -8.07
N THR E 146 -53.63 13.01 -9.00
CA THR E 146 -52.22 13.11 -9.35
C THR E 146 -51.71 14.51 -8.99
N LEU E 147 -50.59 14.56 -8.29
CA LEU E 147 -49.96 15.83 -7.92
C LEU E 147 -48.46 15.70 -8.15
N GLY E 148 -47.83 16.84 -8.41
CA GLY E 148 -46.42 16.84 -8.72
C GLY E 148 -45.78 18.17 -8.41
N CYS E 149 -44.53 18.31 -8.86
CA CYS E 149 -43.78 19.55 -8.71
C CYS E 149 -42.97 19.79 -9.97
N LEU E 150 -42.67 21.06 -10.23
CA LEU E 150 -41.91 21.47 -11.40
C LEU E 150 -40.72 22.31 -10.94
N VAL E 151 -39.55 22.03 -11.48
CA VAL E 151 -38.33 22.80 -11.23
C VAL E 151 -37.82 23.28 -12.58
N LYS E 152 -37.58 24.58 -12.70
CA LYS E 152 -37.20 25.18 -13.97
C LYS E 152 -36.07 26.19 -13.75
N GLY E 153 -35.17 26.27 -14.72
CA GLY E 153 -34.20 27.33 -14.79
C GLY E 153 -32.97 27.15 -13.92
N TYR E 154 -32.89 26.08 -13.13
CA TYR E 154 -31.76 25.91 -12.25
C TYR E 154 -30.51 25.53 -13.05
N PHE E 155 -29.37 25.62 -12.39
CA PHE E 155 -28.09 25.28 -13.03
C PHE E 155 -27.03 25.06 -11.95
N PRO E 156 -26.25 23.96 -12.00
CA PRO E 156 -26.28 22.82 -12.93
C PRO E 156 -26.86 21.54 -12.30
N GLU E 157 -26.95 20.49 -13.11
CA GLU E 157 -27.30 19.18 -12.60
C GLU E 157 -26.22 18.71 -11.62
N PRO E 158 -26.59 17.93 -10.59
CA PRO E 158 -27.89 17.38 -10.21
C PRO E 158 -28.62 18.13 -9.11
N VAL E 159 -29.91 17.85 -8.98
CA VAL E 159 -30.75 18.40 -7.92
C VAL E 159 -31.51 17.25 -7.28
N THR E 160 -31.50 17.20 -5.96
CA THR E 160 -32.24 16.18 -5.23
C THR E 160 -33.72 16.53 -5.17
N LEU E 161 -34.57 15.52 -5.31
CA LEU E 161 -36.01 15.69 -5.19
C LEU E 161 -36.54 14.67 -4.19
N THR E 162 -37.58 15.07 -3.46
CA THR E 162 -38.12 14.24 -2.40
C THR E 162 -39.61 14.53 -2.27
N TRP E 163 -40.33 13.55 -1.71
CA TRP E 163 -41.76 13.69 -1.45
C TRP E 163 -42.04 13.32 0.00
N ASN E 164 -42.74 14.20 0.72
CA ASN E 164 -43.16 13.94 2.10
C ASN E 164 -41.97 13.55 2.96
N SER E 165 -40.84 14.22 2.75
CA SER E 165 -39.60 13.93 3.49
C SER E 165 -39.25 12.45 3.38
N GLY E 166 -39.49 11.87 2.22
CA GLY E 166 -39.26 10.46 2.00
C GLY E 166 -40.35 9.54 2.50
N SER E 167 -41.39 10.09 3.13
CA SER E 167 -42.49 9.26 3.63
C SER E 167 -43.31 8.65 2.50
N LEU E 168 -43.26 9.23 1.30
CA LEU E 168 -43.97 8.72 0.13
C LEU E 168 -42.98 8.50 -0.99
N SER E 169 -42.91 7.27 -1.50
CA SER E 169 -42.03 6.93 -2.60
C SER E 169 -42.70 6.13 -3.71
N SER E 170 -43.81 5.44 -3.43
CA SER E 170 -44.49 4.66 -4.46
C SER E 170 -45.17 5.58 -5.45
N GLY E 171 -45.00 5.30 -6.74
CA GLY E 171 -45.57 6.13 -7.78
C GLY E 171 -44.87 7.45 -8.00
N VAL E 172 -43.68 7.63 -7.41
CA VAL E 172 -42.94 8.89 -7.53
C VAL E 172 -42.13 8.82 -8.82
N HIS E 173 -42.63 9.47 -9.87
CA HIS E 173 -41.98 9.49 -11.17
C HIS E 173 -41.19 10.79 -11.32
N THR E 174 -39.88 10.69 -11.24
CA THR E 174 -38.99 11.82 -11.47
C THR E 174 -38.40 11.72 -12.87
N PHE E 175 -38.63 12.74 -13.68
CA PHE E 175 -38.29 12.71 -15.10
C PHE E 175 -37.00 13.46 -15.34
N PRO E 176 -36.14 13.05 -16.28
CA PRO E 176 -34.85 13.73 -16.42
C PRO E 176 -34.99 15.19 -16.82
N ALA E 177 -34.03 15.99 -16.36
CA ALA E 177 -33.97 17.40 -16.74
C ALA E 177 -33.46 17.53 -18.18
N LEU E 178 -33.74 18.68 -18.78
CA LEU E 178 -33.36 18.95 -20.16
C LEU E 178 -32.77 20.35 -20.27
N LEU E 179 -31.76 20.50 -21.13
CA LEU E 179 -31.16 21.80 -21.40
C LEU E 179 -32.09 22.64 -22.26
N GLN E 180 -32.92 23.48 -21.63
CA GLN E 180 -33.90 24.30 -22.32
C GLN E 180 -33.46 25.75 -22.23
N SER E 181 -33.11 26.33 -23.38
CA SER E 181 -32.70 27.74 -23.45
C SER E 181 -31.50 28.03 -22.55
N GLY E 182 -30.60 27.06 -22.41
CA GLY E 182 -29.41 27.24 -21.59
C GLY E 182 -29.60 26.98 -20.12
N LEU E 183 -30.74 26.41 -19.71
CA LEU E 183 -31.00 26.12 -18.31
C LEU E 183 -31.70 24.77 -18.20
N TYR E 184 -31.65 24.20 -17.01
CA TYR E 184 -32.17 22.86 -16.75
C TYR E 184 -33.53 22.96 -16.05
N THR E 185 -34.50 22.19 -16.53
CA THR E 185 -35.85 22.17 -15.99
C THR E 185 -36.22 20.73 -15.65
N LEU E 186 -36.66 20.51 -14.41
CA LEU E 186 -36.92 19.16 -13.90
C LEU E 186 -38.33 19.10 -13.32
N SER E 187 -39.00 17.98 -13.55
CA SER E 187 -40.39 17.79 -13.12
C SER E 187 -40.52 16.50 -12.35
N SER E 188 -41.69 16.32 -11.74
CA SER E 188 -41.99 15.10 -10.97
C SER E 188 -43.50 15.01 -10.79
N SER E 189 -43.95 13.85 -10.33
CA SER E 189 -45.38 13.63 -10.13
C SER E 189 -45.58 12.56 -9.06
N VAL E 190 -46.80 12.48 -8.55
CA VAL E 190 -47.18 11.51 -7.53
C VAL E 190 -48.65 11.17 -7.71
N THR E 191 -49.00 9.91 -7.42
CA THR E 191 -50.37 9.43 -7.51
C THR E 191 -50.76 8.79 -6.19
N VAL E 192 -51.87 9.25 -5.61
CA VAL E 192 -52.37 8.76 -4.34
C VAL E 192 -53.90 8.83 -4.35
N THR E 193 -54.52 8.28 -3.31
CA THR E 193 -55.97 8.31 -3.20
C THR E 193 -56.47 9.73 -2.97
N SER E 194 -57.65 10.02 -3.51
CA SER E 194 -58.23 11.35 -3.36
C SER E 194 -58.50 11.68 -1.90
N ASN E 195 -58.97 10.70 -1.13
CA ASN E 195 -59.30 10.94 0.27
C ASN E 195 -58.08 11.33 1.09
N THR E 196 -56.87 11.03 0.61
CA THR E 196 -55.66 11.30 1.37
C THR E 196 -55.13 12.70 1.16
N TRP E 197 -55.31 13.28 -0.03
CA TRP E 197 -54.76 14.61 -0.30
C TRP E 197 -55.28 15.67 0.65
N PRO E 198 -56.59 15.79 0.90
CA PRO E 198 -57.04 16.83 1.84
C PRO E 198 -56.74 16.51 3.29
N SER E 199 -56.76 15.23 3.68
CA SER E 199 -56.52 14.84 5.05
C SER E 199 -55.05 14.57 5.35
N GLN E 200 -54.19 14.58 4.34
CA GLN E 200 -52.76 14.39 4.53
C GLN E 200 -52.00 15.50 3.82
N THR E 201 -50.84 15.86 4.36
CA THR E 201 -50.02 16.92 3.82
C THR E 201 -49.03 16.33 2.82
N ILE E 202 -49.21 16.67 1.54
CA ILE E 202 -48.36 16.18 0.47
C ILE E 202 -47.63 17.36 -0.13
N THR E 203 -46.30 17.36 -0.03
CA THR E 203 -45.47 18.42 -0.57
C THR E 203 -44.15 17.84 -1.03
N CYS E 204 -43.54 18.49 -2.01
CA CYS E 204 -42.25 18.09 -2.54
C CYS E 204 -41.14 18.89 -1.85
N ASN E 205 -39.93 18.36 -1.93
CA ASN E 205 -38.76 18.99 -1.35
C ASN E 205 -37.59 18.87 -2.32
N VAL E 206 -36.83 19.95 -2.45
CA VAL E 206 -35.73 20.04 -3.40
C VAL E 206 -34.46 20.38 -2.62
N ALA E 207 -33.31 20.09 -3.23
CA ALA E 207 -32.03 20.45 -2.63
C ALA E 207 -31.00 20.55 -3.75
N HIS E 208 -30.62 21.77 -4.11
CA HIS E 208 -29.64 22.00 -5.16
C HIS E 208 -28.26 22.12 -4.51
N PRO E 209 -27.34 21.17 -4.73
CA PRO E 209 -26.03 21.26 -4.06
C PRO E 209 -25.27 22.54 -4.39
N ALA E 210 -25.33 23.01 -5.64
CA ALA E 210 -24.55 24.18 -6.03
C ALA E 210 -25.01 25.42 -5.29
N SER E 211 -26.26 25.81 -5.50
CA SER E 211 -26.87 26.94 -4.79
C SER E 211 -27.99 26.37 -3.93
N SER E 212 -27.69 26.14 -2.67
CA SER E 212 -28.65 25.51 -1.75
C SER E 212 -30.02 26.15 -1.89
N THR E 213 -31.01 25.33 -2.26
CA THR E 213 -32.36 25.82 -2.52
C THR E 213 -33.34 24.73 -2.08
N LYS E 214 -33.82 24.85 -0.84
CA LYS E 214 -34.69 23.81 -0.29
C LYS E 214 -36.12 23.93 -0.83
N VAL E 215 -36.77 25.05 -0.54
CA VAL E 215 -38.15 25.27 -0.95
C VAL E 215 -39.03 24.12 -0.50
#